data_8VQK
#
_entry.id   8VQK
#
_cell.length_a   63.216
_cell.length_b   63.290
_cell.length_c   74.314
_cell.angle_alpha   110.01
_cell.angle_beta   91.09
_cell.angle_gamma   118.66
#
_symmetry.space_group_name_H-M   'P 1'
#
loop_
_entity.id
_entity.type
_entity.pdbx_description
1 polymer 'Putative ABC transporter periplasmic-binding protein YcjN'
2 non-polymer 'SULFATE ION'
3 non-polymer GLYCEROL
4 non-polymer DI(HYDROXYETHYL)ETHER
5 non-polymer 'POTASSIUM ION'
6 non-polymer 'CADMIUM ION'
7 water water
#
_entity_poly.entity_id   1
_entity_poly.type   'polypeptide(L)'
_entity_poly.pdbx_seq_one_letter_code
;MIKSKIVLLSALVSCALISGCKEENKTNVSIEFMHSSVEQERQAVISKLIARFEKENPGITVKQVPVEEDAYNTKVITLS
RSGSLPEVIETSHDYAKVMDKEQLIDRKAVATVISNVGEGAFYDGVLRIVRTEDGSAWTGVPVSAWIGGIWYRKDVLAKA
GLEEPKNWQQLLDVAQKLNDPANKKYGIALPTAESVLTEQSFSQFALSNQANVFNAEGKITLDTPEMMQALTYYRDLTAN
TMPGSNDIMEVKDAFMNGTAPMAIYSTYILPAVIKEGDPKNVGFVVPTEKNSAVYGMLTSLTITAGQKTEETEAAEKFVT
FMEQADNIADWVMMSPGAALPVNKAVVTTATWKDNDVIKALGELPNQLIGELPNIQVFGAVGDKNFTRMGDVTGSGVVSS
MVHNVTVGKADLSTTLQASQKKLDELIEQHHHHHHHHHHH
;
_entity_poly.pdbx_strand_id   A,B
#
# COMPACT_ATOMS: atom_id res chain seq x y z
N THR A 27 -21.36 -16.61 -16.87
CA THR A 27 -20.88 -15.78 -15.77
C THR A 27 -19.39 -15.44 -15.92
N ASN A 28 -18.87 -15.51 -17.13
CA ASN A 28 -17.53 -15.02 -17.44
C ASN A 28 -17.63 -13.65 -18.09
N VAL A 29 -16.64 -12.79 -17.82
CA VAL A 29 -16.58 -11.49 -18.47
C VAL A 29 -15.20 -11.30 -19.09
N SER A 30 -15.17 -10.58 -20.22
CA SER A 30 -13.95 -10.33 -20.98
C SER A 30 -13.77 -8.83 -21.21
N ILE A 31 -12.59 -8.32 -20.89
CA ILE A 31 -12.24 -6.93 -21.15
C ILE A 31 -10.91 -6.85 -21.90
N GLU A 32 -10.60 -5.65 -22.38
CA GLU A 32 -9.36 -5.40 -23.10
C GLU A 32 -8.53 -4.35 -22.37
N PHE A 33 -7.21 -4.52 -22.44
CA PHE A 33 -6.21 -3.62 -21.90
C PHE A 33 -5.38 -3.10 -23.07
N MET A 34 -5.59 -1.85 -23.44
CA MET A 34 -4.83 -1.20 -24.51
C MET A 34 -3.63 -0.49 -23.91
N HIS A 35 -2.47 -0.73 -24.49
CA HIS A 35 -1.24 -0.17 -23.96
C HIS A 35 -0.27 0.02 -25.13
N SER A 36 0.88 0.62 -24.84
CA SER A 36 1.80 0.98 -25.92
C SER A 36 3.11 0.18 -25.87
N SER A 37 3.15 -0.90 -25.11
CA SER A 37 4.34 -1.76 -25.06
C SER A 37 4.23 -2.79 -26.17
N VAL A 38 4.71 -2.41 -27.37
CA VAL A 38 4.70 -3.30 -28.53
C VAL A 38 5.96 -4.15 -28.63
N GLU A 39 6.95 -3.93 -27.75
CA GLU A 39 8.14 -4.77 -27.71
C GLU A 39 7.81 -6.10 -27.05
N GLN A 40 8.34 -7.19 -27.63
CA GLN A 40 8.01 -8.54 -27.16
C GLN A 40 8.39 -8.76 -25.70
N GLU A 41 9.51 -8.19 -25.27
CA GLU A 41 9.92 -8.31 -23.87
C GLU A 41 8.86 -7.73 -22.93
N ARG A 42 8.35 -6.55 -23.26
CA ARG A 42 7.36 -5.90 -22.41
C ARG A 42 6.05 -6.65 -22.42
N GLN A 43 5.59 -7.09 -23.62
CA GLN A 43 4.36 -7.87 -23.70
C GLN A 43 4.46 -9.17 -22.92
N ALA A 44 5.67 -9.73 -22.80
CA ALA A 44 5.83 -10.92 -21.97
C ALA A 44 5.52 -10.59 -20.52
N VAL A 45 5.96 -9.43 -20.06
CA VAL A 45 5.73 -9.03 -18.68
C VAL A 45 4.24 -8.76 -18.46
N ILE A 46 3.59 -8.16 -19.45
CA ILE A 46 2.16 -7.88 -19.31
C ILE A 46 1.36 -9.18 -19.39
N SER A 47 1.82 -10.16 -20.18
CA SER A 47 1.13 -11.44 -20.24
C SER A 47 1.19 -12.18 -18.91
N LYS A 48 2.29 -12.06 -18.18
CA LYS A 48 2.38 -12.74 -16.89
C LYS A 48 1.55 -12.04 -15.83
N LEU A 49 1.53 -10.71 -15.87
CA LEU A 49 0.64 -9.96 -14.98
C LEU A 49 -0.81 -10.36 -15.21
N ILE A 50 -1.22 -10.44 -16.47
CA ILE A 50 -2.59 -10.81 -16.79
C ILE A 50 -2.89 -12.25 -16.33
N ALA A 51 -1.99 -13.18 -16.60
CA ALA A 51 -2.22 -14.55 -16.14
C ALA A 51 -2.32 -14.60 -14.62
N ARG A 52 -1.49 -13.81 -13.92
CA ARG A 52 -1.58 -13.74 -12.46
C ARG A 52 -2.92 -13.14 -12.03
N PHE A 53 -3.40 -12.12 -12.74
CA PHE A 53 -4.72 -11.55 -12.46
C PHE A 53 -5.82 -12.57 -12.68
N GLU A 54 -5.83 -13.20 -13.85
CA GLU A 54 -6.90 -14.13 -14.19
C GLU A 54 -6.92 -15.30 -13.22
N LYS A 55 -5.75 -15.74 -12.77
CA LYS A 55 -5.65 -16.79 -11.76
C LYS A 55 -6.38 -16.40 -10.48
N GLU A 56 -6.25 -15.15 -10.06
CA GLU A 56 -6.86 -14.67 -8.83
C GLU A 56 -8.31 -14.23 -8.99
N ASN A 57 -8.78 -14.08 -10.22
CA ASN A 57 -10.15 -13.61 -10.47
C ASN A 57 -10.76 -14.51 -11.53
N PRO A 58 -11.18 -15.72 -11.17
CA PRO A 58 -11.86 -16.58 -12.14
C PRO A 58 -13.16 -15.94 -12.59
N GLY A 59 -13.45 -16.11 -13.88
CA GLY A 59 -14.55 -15.42 -14.52
C GLY A 59 -14.13 -14.21 -15.35
N ILE A 60 -12.91 -13.69 -15.20
CA ILE A 60 -12.48 -12.48 -15.90
C ILE A 60 -11.33 -12.82 -16.85
N THR A 61 -11.51 -12.55 -18.13
CA THR A 61 -10.41 -12.59 -19.09
C THR A 61 -10.04 -11.17 -19.53
N VAL A 62 -8.74 -10.88 -19.56
CA VAL A 62 -8.20 -9.62 -20.07
C VAL A 62 -7.42 -9.92 -21.35
N LYS A 63 -7.73 -9.20 -22.43
CA LYS A 63 -7.03 -9.33 -23.70
C LYS A 63 -6.13 -8.13 -23.93
N GLN A 64 -4.92 -8.39 -24.42
CA GLN A 64 -4.00 -7.31 -24.73
C GLN A 64 -4.33 -6.70 -26.07
N VAL A 65 -4.23 -5.37 -26.14
CA VAL A 65 -4.34 -4.58 -27.35
C VAL A 65 -3.09 -3.70 -27.45
N PRO A 66 -1.95 -4.22 -27.92
CA PRO A 66 -0.75 -3.38 -28.04
C PRO A 66 -0.88 -2.44 -29.22
N VAL A 67 -0.63 -1.15 -28.97
CA VAL A 67 -0.76 -0.12 -30.00
C VAL A 67 0.45 0.79 -29.93
N GLU A 68 1.16 0.91 -31.05
CA GLU A 68 2.32 1.80 -31.12
C GLU A 68 1.91 3.22 -30.75
N GLU A 69 2.73 3.85 -29.91
CA GLU A 69 2.44 5.22 -29.46
C GLU A 69 2.14 6.14 -30.63
N ASP A 70 2.85 5.96 -31.75
CA ASP A 70 2.62 6.74 -32.95
C ASP A 70 1.15 6.68 -33.38
N ALA A 71 0.54 5.50 -33.32
CA ALA A 71 -0.80 5.25 -33.83
C ALA A 71 -1.87 5.31 -32.73
N TYR A 72 -1.51 5.78 -31.53
CA TYR A 72 -2.43 5.69 -30.40
C TYR A 72 -3.70 6.48 -30.65
N ASN A 73 -3.58 7.74 -31.06
CA ASN A 73 -4.75 8.61 -31.16
C ASN A 73 -5.71 8.12 -32.24
N THR A 74 -5.20 7.73 -33.40
CA THR A 74 -6.06 7.21 -34.45
C THR A 74 -6.81 5.96 -34.00
N LYS A 75 -6.09 5.01 -33.40
CA LYS A 75 -6.75 3.83 -32.87
C LYS A 75 -7.88 4.21 -31.92
N VAL A 76 -7.64 5.19 -31.05
CA VAL A 76 -8.64 5.57 -30.05
C VAL A 76 -9.89 6.14 -30.73
N ILE A 77 -9.72 7.05 -31.68
CA ILE A 77 -10.92 7.62 -32.28
C ILE A 77 -11.63 6.57 -33.13
N THR A 78 -10.87 5.68 -33.76
CA THR A 78 -11.46 4.64 -34.58
C THR A 78 -12.28 3.66 -33.75
N LEU A 79 -11.70 3.17 -32.64
CA LEU A 79 -12.41 2.23 -31.78
C LEU A 79 -13.59 2.89 -31.09
N SER A 80 -13.46 4.16 -30.69
CA SER A 80 -14.55 4.81 -29.98
C SER A 80 -15.70 5.19 -30.90
N ARG A 81 -15.43 5.45 -32.18
CA ARG A 81 -16.53 5.67 -33.13
C ARG A 81 -17.17 4.37 -33.59
N SER A 82 -16.73 3.23 -33.07
CA SER A 82 -17.38 1.96 -33.36
C SER A 82 -17.81 1.25 -32.08
N GLY A 83 -17.89 1.99 -30.97
CA GLY A 83 -18.26 1.39 -29.70
C GLY A 83 -17.40 0.21 -29.31
N SER A 84 -16.11 0.26 -29.63
CA SER A 84 -15.20 -0.84 -29.32
C SER A 84 -13.95 -0.32 -28.58
N LEU A 85 -14.12 0.78 -27.85
CA LEU A 85 -13.05 1.28 -26.99
C LEU A 85 -12.72 0.25 -25.91
N PRO A 86 -11.45 -0.13 -25.76
CA PRO A 86 -11.07 -1.04 -24.67
C PRO A 86 -11.39 -0.44 -23.31
N GLU A 87 -11.70 -1.31 -22.34
CA GLU A 87 -12.12 -0.86 -21.02
C GLU A 87 -10.98 -0.23 -20.24
N VAL A 88 -9.75 -0.72 -20.43
CA VAL A 88 -8.59 -0.19 -19.73
C VAL A 88 -7.59 0.31 -20.75
N ILE A 89 -7.08 1.53 -20.56
CA ILE A 89 -6.21 2.16 -21.54
C ILE A 89 -5.04 2.80 -20.81
N GLU A 90 -3.83 2.48 -21.25
CA GLU A 90 -2.65 3.14 -20.77
C GLU A 90 -2.55 4.52 -21.44
N THR A 91 -2.24 5.55 -20.66
CA THR A 91 -2.18 6.90 -21.23
C THR A 91 -1.26 7.79 -20.41
N SER A 92 -0.62 8.73 -21.10
CA SER A 92 0.04 9.86 -20.45
C SER A 92 -1.01 10.83 -19.89
N HIS A 93 -0.60 11.67 -18.93
CA HIS A 93 -1.57 12.52 -18.26
C HIS A 93 -2.09 13.62 -19.18
N ASP A 94 -1.29 14.07 -20.15
CA ASP A 94 -1.78 15.08 -21.09
C ASP A 94 -2.82 14.49 -22.03
N TYR A 95 -2.60 13.28 -22.54
CA TYR A 95 -3.61 12.68 -23.42
C TYR A 95 -4.86 12.24 -22.65
N ALA A 96 -4.69 11.85 -21.39
CA ALA A 96 -5.85 11.60 -20.55
C ALA A 96 -6.73 12.84 -20.40
N LYS A 97 -6.13 14.04 -20.41
CA LYS A 97 -6.93 15.26 -20.40
C LYS A 97 -7.79 15.38 -21.65
N VAL A 98 -7.22 15.04 -22.81
CA VAL A 98 -7.99 15.08 -24.06
C VAL A 98 -9.12 14.05 -24.01
N MET A 99 -8.86 12.86 -23.45
CA MET A 99 -9.92 11.86 -23.39
C MET A 99 -11.01 12.28 -22.41
N ASP A 100 -10.62 12.86 -21.26
CA ASP A 100 -11.63 13.29 -20.30
C ASP A 100 -12.50 14.40 -20.87
N LYS A 101 -11.90 15.33 -21.62
CA LYS A 101 -12.68 16.40 -22.24
C LYS A 101 -13.69 15.84 -23.23
N GLU A 102 -13.30 14.80 -23.99
CA GLU A 102 -14.23 14.06 -24.82
C GLU A 102 -15.13 13.11 -24.01
N GLN A 103 -15.03 13.13 -22.68
CA GLN A 103 -15.89 12.34 -21.80
C GLN A 103 -15.77 10.84 -22.03
N LEU A 104 -14.62 10.38 -22.51
CA LEU A 104 -14.41 8.94 -22.69
C LEU A 104 -13.97 8.25 -21.41
N ILE A 105 -13.82 8.96 -20.29
CA ILE A 105 -13.27 8.37 -19.08
C ILE A 105 -14.37 8.25 -18.02
N ASP A 106 -14.46 7.06 -17.41
CA ASP A 106 -15.39 6.75 -16.33
C ASP A 106 -14.75 7.23 -15.03
N ARG A 107 -15.06 8.47 -14.64
CA ARG A 107 -14.44 9.05 -13.45
C ARG A 107 -14.80 8.31 -12.18
N LYS A 108 -16.01 7.76 -12.09
CA LYS A 108 -16.35 7.04 -10.86
C LYS A 108 -15.53 5.77 -10.73
N ALA A 109 -15.30 5.07 -11.85
CA ALA A 109 -14.48 3.85 -11.79
C ALA A 109 -13.06 4.16 -11.39
N VAL A 110 -12.47 5.22 -11.95
CA VAL A 110 -11.11 5.62 -11.59
C VAL A 110 -11.03 5.97 -10.11
N ALA A 111 -11.98 6.78 -9.64
CA ALA A 111 -11.97 7.18 -8.23
C ALA A 111 -12.22 5.98 -7.30
N THR A 112 -12.94 4.98 -7.77
CA THR A 112 -13.09 3.77 -6.95
C THR A 112 -11.73 3.10 -6.71
N VAL A 113 -10.89 3.06 -7.74
CA VAL A 113 -9.59 2.42 -7.59
C VAL A 113 -8.73 3.22 -6.63
N ILE A 114 -8.73 4.55 -6.79
CA ILE A 114 -7.94 5.37 -5.89
C ILE A 114 -8.43 5.24 -4.45
N SER A 115 -9.74 5.15 -4.25
CA SER A 115 -10.28 4.89 -2.90
C SER A 115 -9.79 3.56 -2.32
N ASN A 116 -9.75 2.50 -3.13
CA ASN A 116 -9.28 1.19 -2.66
C ASN A 116 -7.87 1.27 -2.08
N VAL A 117 -6.93 1.79 -2.86
CA VAL A 117 -5.53 1.77 -2.41
C VAL A 117 -5.22 2.97 -1.53
N GLY A 118 -6.05 4.01 -1.59
CA GLY A 118 -5.83 5.19 -0.78
C GLY A 118 -4.98 6.23 -1.49
N GLU A 119 -5.35 7.51 -1.35
CA GLU A 119 -4.51 8.58 -1.92
C GLU A 119 -3.12 8.57 -1.31
N GLY A 120 -2.99 8.13 -0.06
CA GLY A 120 -1.70 8.07 0.59
C GLY A 120 -0.78 6.99 0.06
N ALA A 121 -1.28 6.11 -0.81
CA ALA A 121 -0.43 5.14 -1.49
C ALA A 121 0.49 5.79 -2.50
N PHE A 122 0.13 6.97 -3.00
CA PHE A 122 0.92 7.67 -4.01
C PHE A 122 1.83 8.69 -3.35
N TYR A 123 3.03 8.86 -3.91
CA TYR A 123 3.91 9.93 -3.44
C TYR A 123 3.22 11.26 -3.62
N ASP A 124 3.52 12.20 -2.72
CA ASP A 124 2.93 13.52 -2.81
C ASP A 124 3.32 14.18 -4.13
N GLY A 125 2.41 15.00 -4.65
CA GLY A 125 2.60 15.67 -5.91
C GLY A 125 2.11 14.91 -7.11
N VAL A 126 1.82 13.61 -6.96
CA VAL A 126 1.53 12.76 -8.11
C VAL A 126 0.09 12.91 -8.56
N LEU A 127 -0.86 12.72 -7.64
CA LEU A 127 -2.26 12.71 -8.05
C LEU A 127 -2.76 14.09 -8.48
N ARG A 128 -2.21 15.17 -7.91
CA ARG A 128 -2.54 16.53 -8.37
C ARG A 128 -2.44 16.66 -9.89
N ILE A 129 -1.41 16.08 -10.47
CA ILE A 129 -1.20 16.17 -11.91
C ILE A 129 -2.33 15.55 -12.72
N VAL A 130 -2.99 14.48 -12.22
CA VAL A 130 -4.05 13.86 -13.00
C VAL A 130 -5.45 14.36 -12.61
N ARG A 131 -5.54 15.41 -11.82
CA ARG A 131 -6.85 15.98 -11.49
C ARG A 131 -7.58 16.44 -12.74
N THR A 132 -8.90 16.37 -12.69
CA THR A 132 -9.76 16.90 -13.74
C THR A 132 -9.77 18.43 -13.70
N GLU A 133 -10.35 19.04 -14.74
CA GLU A 133 -10.33 20.50 -14.79
C GLU A 133 -11.24 21.09 -13.73
N ASP A 134 -12.33 20.42 -13.38
CA ASP A 134 -13.16 20.97 -12.30
C ASP A 134 -12.57 20.69 -10.92
N GLY A 135 -11.48 19.94 -10.83
CA GLY A 135 -10.88 19.60 -9.56
C GLY A 135 -11.54 18.47 -8.79
N SER A 136 -12.64 17.90 -9.28
CA SER A 136 -13.43 16.99 -8.44
C SER A 136 -13.02 15.52 -8.54
N ALA A 137 -12.28 15.12 -9.58
CA ALA A 137 -11.95 13.71 -9.76
C ALA A 137 -10.60 13.61 -10.45
N TRP A 138 -10.27 12.41 -10.94
CA TRP A 138 -9.02 12.15 -11.62
C TRP A 138 -9.30 11.45 -12.94
N THR A 139 -8.39 11.66 -13.89
CA THR A 139 -8.51 11.13 -15.23
C THR A 139 -7.94 9.72 -15.34
N GLY A 140 -7.21 9.27 -14.35
CA GLY A 140 -6.55 7.97 -14.45
C GLY A 140 -5.85 7.64 -13.16
N VAL A 141 -5.38 6.39 -13.08
CA VAL A 141 -4.68 5.92 -11.90
C VAL A 141 -3.19 5.84 -12.24
N PRO A 142 -2.35 6.66 -11.65
CA PRO A 142 -0.94 6.71 -12.05
C PRO A 142 -0.23 5.39 -11.80
N VAL A 143 0.63 5.02 -12.74
CA VAL A 143 1.48 3.84 -12.57
C VAL A 143 2.97 4.14 -12.67
N SER A 144 3.39 5.24 -13.31
CA SER A 144 4.80 5.58 -13.32
C SER A 144 4.97 7.03 -13.74
N ALA A 145 6.18 7.54 -13.60
CA ALA A 145 6.49 8.88 -14.09
C ALA A 145 7.95 8.94 -14.55
N TRP A 146 8.19 9.82 -15.52
CA TRP A 146 9.54 10.30 -15.79
C TRP A 146 9.58 11.78 -15.43
N ILE A 147 10.73 12.22 -14.91
CA ILE A 147 10.87 13.61 -14.54
C ILE A 147 12.08 14.19 -15.25
N GLY A 148 12.13 15.51 -15.27
CA GLY A 148 13.17 16.25 -15.97
C GLY A 148 13.84 17.19 -15.00
N GLY A 149 15.15 17.36 -15.16
CA GLY A 149 15.88 18.32 -14.37
C GLY A 149 17.28 18.49 -14.92
N ILE A 150 18.18 18.96 -14.07
CA ILE A 150 19.53 19.28 -14.49
C ILE A 150 20.44 18.11 -14.12
N TRP A 151 20.89 17.39 -15.13
CA TRP A 151 21.92 16.37 -14.93
C TRP A 151 23.28 17.02 -15.08
N TYR A 152 24.24 16.51 -14.31
CA TYR A 152 25.58 17.05 -14.43
C TYR A 152 26.59 15.94 -14.16
N ARG A 153 27.85 16.22 -14.48
CA ARG A 153 28.95 15.29 -14.24
C ARG A 153 29.64 15.69 -12.94
N LYS A 154 29.64 14.78 -11.97
CA LYS A 154 30.17 15.08 -10.65
C LYS A 154 31.64 15.48 -10.73
N ASP A 155 32.42 14.81 -11.58
CA ASP A 155 33.86 15.05 -11.61
C ASP A 155 34.19 16.40 -12.21
N VAL A 156 33.50 16.79 -13.29
CA VAL A 156 33.82 18.04 -13.96
C VAL A 156 33.56 19.23 -13.02
N LEU A 157 32.56 19.12 -12.15
CA LEU A 157 32.31 20.23 -11.23
C LEU A 157 33.33 20.27 -10.09
N ALA A 158 33.98 19.16 -9.78
CA ALA A 158 35.11 19.22 -8.87
C ALA A 158 36.34 19.79 -9.57
N LYS A 159 36.64 19.27 -10.78
CA LYS A 159 37.77 19.71 -11.56
C LYS A 159 37.68 21.18 -11.95
N ALA A 160 36.57 21.83 -11.58
CA ALA A 160 36.38 23.26 -11.77
C ALA A 160 36.25 24.03 -10.46
N GLY A 161 36.03 23.34 -9.34
CA GLY A 161 35.99 24.00 -8.05
C GLY A 161 34.62 24.50 -7.66
N LEU A 162 33.58 23.78 -8.04
CA LEU A 162 32.21 24.26 -7.95
C LEU A 162 31.35 23.27 -7.19
N GLU A 163 30.69 23.74 -6.13
CA GLU A 163 29.63 22.99 -5.50
C GLU A 163 28.39 22.98 -6.38
N GLU A 164 27.54 21.97 -6.20
CA GLU A 164 26.37 21.84 -7.06
C GLU A 164 25.40 22.99 -6.83
N PRO A 165 24.79 23.53 -7.88
CA PRO A 165 24.02 24.79 -7.75
C PRO A 165 22.64 24.56 -7.15
N LYS A 166 22.27 25.46 -6.24
CA LYS A 166 21.04 25.34 -5.44
C LYS A 166 19.97 26.37 -5.82
N ASN A 167 20.23 27.28 -6.76
CA ASN A 167 19.22 28.23 -7.20
C ASN A 167 19.64 28.80 -8.55
N TRP A 168 18.85 29.77 -9.05
CA TRP A 168 19.12 30.40 -10.34
C TRP A 168 20.50 31.03 -10.37
N GLN A 169 20.82 31.80 -9.34
CA GLN A 169 22.11 32.49 -9.32
C GLN A 169 23.25 31.49 -9.39
N GLN A 170 23.24 30.49 -8.50
CA GLN A 170 24.33 29.51 -8.51
C GLN A 170 24.39 28.75 -9.82
N LEU A 171 23.24 28.49 -10.45
CA LEU A 171 23.26 27.77 -11.72
C LEU A 171 23.91 28.60 -12.82
N LEU A 172 23.46 29.85 -12.97
CA LEU A 172 24.03 30.74 -13.97
C LEU A 172 25.53 30.89 -13.76
N ASP A 173 25.94 31.08 -12.50
CA ASP A 173 27.38 31.21 -12.22
C ASP A 173 28.15 29.96 -12.60
N VAL A 174 27.61 28.78 -12.29
CA VAL A 174 28.30 27.54 -12.64
C VAL A 174 28.41 27.41 -14.15
N ALA A 175 27.33 27.72 -14.87
CA ALA A 175 27.34 27.61 -16.33
C ALA A 175 28.38 28.55 -16.93
N GLN A 176 28.45 29.79 -16.43
CA GLN A 176 29.43 30.76 -16.93
C GLN A 176 30.86 30.27 -16.70
N LYS A 177 31.10 29.64 -15.56
CA LYS A 177 32.46 29.21 -15.22
C LYS A 177 32.92 28.05 -16.09
N LEU A 178 31.99 27.17 -16.47
CA LEU A 178 32.32 26.02 -17.30
C LEU A 178 32.24 26.32 -18.78
N ASN A 179 31.86 27.54 -19.16
CA ASN A 179 31.71 27.91 -20.56
C ASN A 179 33.09 28.15 -21.19
N ASP A 180 33.20 27.86 -22.50
CA ASP A 180 34.47 27.89 -23.23
C ASP A 180 34.25 27.62 -24.72
N PRO A 181 33.58 28.52 -25.44
CA PRO A 181 33.19 28.19 -26.82
C PRO A 181 34.34 28.14 -27.82
N ALA A 182 35.48 28.76 -27.53
CA ALA A 182 36.63 28.65 -28.44
C ALA A 182 37.09 27.20 -28.57
N ASN A 183 36.88 26.40 -27.51
CA ASN A 183 37.18 24.98 -27.51
C ASN A 183 35.94 24.13 -27.71
N LYS A 184 34.84 24.73 -28.18
CA LYS A 184 33.60 24.01 -28.44
C LYS A 184 33.08 23.29 -27.21
N LYS A 185 33.38 23.82 -26.02
CA LYS A 185 32.82 23.36 -24.77
C LYS A 185 31.89 24.43 -24.23
N TYR A 186 30.81 24.00 -23.56
CA TYR A 186 29.79 24.93 -23.12
C TYR A 186 29.35 24.58 -21.70
N GLY A 187 28.83 25.60 -21.02
CA GLY A 187 28.49 25.43 -19.62
C GLY A 187 27.30 24.50 -19.40
N ILE A 188 26.33 24.52 -20.31
CA ILE A 188 25.10 23.75 -20.09
C ILE A 188 24.49 23.41 -21.44
N ALA A 189 23.92 22.22 -21.56
CA ALA A 189 23.10 21.85 -22.71
C ALA A 189 21.64 22.19 -22.40
N LEU A 190 21.08 23.14 -23.15
CA LEU A 190 19.75 23.69 -22.90
C LEU A 190 18.93 23.58 -24.17
N PRO A 191 17.71 23.07 -24.10
CA PRO A 191 16.85 23.09 -25.29
C PRO A 191 16.41 24.51 -25.67
N THR A 192 16.39 24.74 -26.98
CA THR A 192 16.02 26.02 -27.58
C THR A 192 15.21 25.84 -28.86
N ALA A 193 14.88 24.60 -29.24
CA ALA A 193 14.21 24.36 -30.50
C ALA A 193 12.71 24.66 -30.36
N GLU A 194 12.04 24.73 -31.51
CA GLU A 194 10.58 24.88 -31.58
C GLU A 194 9.93 23.51 -31.38
N SER A 195 9.99 23.03 -30.13
CA SER A 195 9.54 21.68 -29.82
C SER A 195 9.07 21.61 -28.38
N VAL A 196 8.31 20.55 -28.06
CA VAL A 196 7.78 20.41 -26.71
C VAL A 196 8.89 20.35 -25.67
N LEU A 197 10.08 19.88 -26.06
CA LEU A 197 11.17 19.77 -25.09
C LEU A 197 11.52 21.13 -24.50
N THR A 198 11.54 22.17 -25.34
CA THR A 198 11.86 23.51 -24.87
C THR A 198 10.79 24.04 -23.93
N GLU A 199 9.52 23.80 -24.26
CA GLU A 199 8.44 24.19 -23.38
C GLU A 199 8.56 23.50 -22.03
N GLN A 200 8.91 22.20 -22.03
CA GLN A 200 9.04 21.45 -20.78
C GLN A 200 10.18 21.98 -19.92
N SER A 201 11.37 22.11 -20.52
CA SER A 201 12.50 22.59 -19.74
C SER A 201 12.31 24.03 -19.29
N PHE A 202 11.78 24.89 -20.18
CA PHE A 202 11.48 26.26 -19.75
C PHE A 202 10.41 26.31 -18.67
N SER A 203 9.44 25.40 -18.69
CA SER A 203 8.44 25.39 -17.64
C SER A 203 9.06 25.23 -16.26
N GLN A 204 10.15 24.47 -16.15
CA GLN A 204 10.80 24.26 -14.86
C GLN A 204 11.30 25.57 -14.26
N PHE A 205 11.96 26.41 -15.07
CA PHE A 205 12.35 27.73 -14.57
C PHE A 205 11.13 28.63 -14.33
N ALA A 206 10.16 28.65 -15.25
CA ALA A 206 8.98 29.49 -15.04
C ALA A 206 8.22 29.08 -13.79
N LEU A 207 7.99 27.78 -13.60
CA LEU A 207 7.24 27.35 -12.43
C LEU A 207 8.07 27.51 -11.15
N SER A 208 9.40 27.40 -11.24
CA SER A 208 10.23 27.70 -10.07
C SER A 208 10.10 29.16 -9.65
N ASN A 209 9.58 30.01 -10.54
CA ASN A 209 9.33 31.43 -10.25
C ASN A 209 7.84 31.71 -10.10
N GLN A 210 7.07 30.68 -9.75
CA GLN A 210 5.62 30.79 -9.57
C GLN A 210 4.94 31.35 -10.80
N ALA A 211 5.46 31.04 -11.98
CA ALA A 211 4.92 31.53 -13.24
C ALA A 211 4.32 30.34 -13.99
N ASN A 212 3.00 30.35 -14.12
CA ASN A 212 2.26 29.31 -14.80
C ASN A 212 1.53 29.96 -15.96
N VAL A 213 1.31 29.20 -17.02
CA VAL A 213 0.60 29.73 -18.18
C VAL A 213 -0.87 30.03 -17.86
N PHE A 214 -1.43 29.33 -16.87
CA PHE A 214 -2.81 29.51 -16.44
C PHE A 214 -2.83 30.00 -14.99
N ASN A 215 -3.86 30.78 -14.66
CA ASN A 215 -4.10 31.11 -13.26
C ASN A 215 -5.25 30.23 -12.74
N ALA A 216 -5.52 30.34 -11.45
CA ALA A 216 -6.49 29.43 -10.83
C ALA A 216 -7.90 29.57 -11.40
N GLU A 217 -8.17 30.58 -12.22
CA GLU A 217 -9.48 30.70 -12.85
C GLU A 217 -9.48 30.24 -14.30
N GLY A 218 -8.42 29.58 -14.74
CA GLY A 218 -8.41 29.07 -16.10
C GLY A 218 -8.16 30.10 -17.18
N LYS A 219 -7.64 31.27 -16.84
CA LYS A 219 -7.27 32.23 -17.87
C LYS A 219 -5.78 32.14 -18.22
N ILE A 220 -5.46 32.50 -19.46
CA ILE A 220 -4.09 32.51 -19.96
C ILE A 220 -3.35 33.71 -19.36
N THR A 221 -2.35 33.43 -18.54
CA THR A 221 -1.52 34.44 -17.87
C THR A 221 -0.08 34.25 -18.30
N LEU A 222 0.24 34.64 -19.54
CA LEU A 222 1.60 34.50 -20.07
C LEU A 222 2.41 35.78 -19.93
N ASP A 223 1.84 36.92 -20.31
CA ASP A 223 2.56 38.20 -20.32
C ASP A 223 2.51 38.83 -18.93
N THR A 224 3.26 38.23 -18.01
CA THR A 224 3.25 38.61 -16.60
C THR A 224 4.65 38.97 -16.15
N PRO A 225 4.77 39.73 -15.06
CA PRO A 225 6.11 39.97 -14.49
C PRO A 225 6.88 38.71 -14.18
N GLU A 226 6.29 37.75 -13.45
CA GLU A 226 7.06 36.56 -13.09
C GLU A 226 7.41 35.72 -14.31
N MET A 227 6.58 35.70 -15.35
CA MET A 227 6.97 34.97 -16.55
C MET A 227 8.12 35.66 -17.30
N MET A 228 8.12 37.00 -17.30
CA MET A 228 9.19 37.74 -17.96
C MET A 228 10.53 37.52 -17.27
N GLN A 229 10.53 37.42 -15.93
CA GLN A 229 11.75 37.12 -15.18
C GLN A 229 12.32 35.77 -15.59
N ALA A 230 11.50 34.73 -15.57
CA ALA A 230 11.96 33.43 -16.00
C ALA A 230 12.47 33.50 -17.44
N LEU A 231 11.74 34.18 -18.33
CA LEU A 231 12.19 34.22 -19.72
C LEU A 231 13.50 35.00 -19.85
N THR A 232 13.65 36.09 -19.08
CA THR A 232 14.92 36.80 -19.08
C THR A 232 16.03 35.95 -18.51
N TYR A 233 15.73 35.14 -17.48
CA TYR A 233 16.77 34.28 -16.91
C TYR A 233 17.17 33.17 -17.86
N TYR A 234 16.19 32.54 -18.51
CA TYR A 234 16.51 31.52 -19.51
C TYR A 234 17.42 32.08 -20.61
N ARG A 235 17.14 33.30 -21.06
CA ARG A 235 17.99 33.90 -22.08
C ARG A 235 19.42 34.07 -21.57
N ASP A 236 19.59 34.56 -20.33
CA ASP A 236 20.93 34.68 -19.78
C ASP A 236 21.60 33.32 -19.69
N LEU A 237 20.85 32.30 -19.27
CA LEU A 237 21.43 30.98 -19.14
C LEU A 237 21.84 30.41 -20.50
N THR A 238 21.06 30.68 -21.55
CA THR A 238 21.44 30.11 -22.85
C THR A 238 22.67 30.75 -23.46
N ALA A 239 23.14 31.90 -22.96
CA ALA A 239 24.44 32.38 -23.43
C ALA A 239 25.57 31.39 -23.13
N ASN A 240 25.27 30.29 -22.42
CA ASN A 240 26.26 29.28 -22.09
C ASN A 240 25.90 27.92 -22.65
N THR A 241 25.08 27.87 -23.70
CA THR A 241 24.73 26.62 -24.34
C THR A 241 25.20 26.64 -25.78
N MET A 242 25.15 25.47 -26.41
CA MET A 242 25.54 25.36 -27.81
C MET A 242 24.69 26.30 -28.66
N PRO A 243 25.31 27.00 -29.61
CA PRO A 243 24.54 27.91 -30.47
C PRO A 243 23.66 27.15 -31.46
N GLY A 244 22.60 27.80 -31.87
CA GLY A 244 21.60 27.21 -32.74
C GLY A 244 20.40 26.66 -31.98
N SER A 245 19.60 25.91 -32.73
CA SER A 245 18.33 25.38 -32.25
C SER A 245 18.59 23.97 -31.70
N ASN A 246 18.58 23.83 -30.38
CA ASN A 246 18.92 22.57 -29.71
C ASN A 246 17.65 21.82 -29.36
N ASP A 247 17.45 20.66 -29.98
CA ASP A 247 16.35 19.77 -29.62
C ASP A 247 16.90 18.55 -28.87
N ILE A 248 16.09 17.49 -28.83
CA ILE A 248 16.39 16.35 -27.97
C ILE A 248 17.75 15.74 -28.33
N MET A 249 18.02 15.55 -29.63
CA MET A 249 19.26 14.90 -30.03
C MET A 249 20.47 15.78 -29.73
N GLU A 250 20.34 17.10 -29.92
CA GLU A 250 21.43 18.01 -29.62
C GLU A 250 21.77 17.99 -28.14
N VAL A 251 20.74 18.00 -27.29
CA VAL A 251 20.98 18.06 -25.85
C VAL A 251 21.61 16.75 -25.37
N LYS A 252 21.02 15.62 -25.76
CA LYS A 252 21.55 14.32 -25.37
C LYS A 252 22.99 14.12 -25.85
N ASP A 253 23.23 14.37 -27.14
CA ASP A 253 24.59 14.21 -27.69
C ASP A 253 25.60 15.07 -26.93
N ALA A 254 25.25 16.33 -26.67
CA ALA A 254 26.22 17.22 -26.00
C ALA A 254 26.57 16.71 -24.61
N PHE A 255 25.59 16.14 -23.91
CA PHE A 255 25.90 15.61 -22.59
C PHE A 255 26.71 14.32 -22.70
N MET A 256 26.37 13.46 -23.66
CA MET A 256 27.01 12.14 -23.77
C MET A 256 28.42 12.21 -24.34
N ASN A 257 28.78 13.25 -25.08
CA ASN A 257 30.13 13.34 -25.63
C ASN A 257 31.00 14.36 -24.93
N GLY A 258 30.53 14.99 -23.85
CA GLY A 258 31.35 15.93 -23.11
C GLY A 258 31.39 17.35 -23.65
N THR A 259 30.54 17.69 -24.63
CA THR A 259 30.44 19.08 -25.04
C THR A 259 29.91 19.97 -23.92
N ALA A 260 29.05 19.43 -23.06
CA ALA A 260 28.58 20.17 -21.90
C ALA A 260 28.44 19.21 -20.70
N PRO A 261 28.93 19.61 -19.52
CA PRO A 261 28.85 18.74 -18.35
C PRO A 261 27.60 18.98 -17.51
N MET A 262 26.60 19.64 -18.10
CA MET A 262 25.31 19.90 -17.48
C MET A 262 24.27 19.89 -18.59
N ALA A 263 23.10 19.34 -18.30
CA ALA A 263 22.08 19.24 -19.33
C ALA A 263 20.71 19.05 -18.69
N ILE A 264 19.73 19.80 -19.17
CA ILE A 264 18.34 19.57 -18.80
C ILE A 264 17.76 18.50 -19.72
N TYR A 265 17.21 17.45 -19.12
CA TYR A 265 16.79 16.28 -19.85
C TYR A 265 15.93 15.44 -18.91
N SER A 266 15.28 14.44 -19.47
CA SER A 266 14.49 13.53 -18.64
C SER A 266 15.36 12.41 -18.07
N THR A 267 14.74 11.58 -17.23
CA THR A 267 15.37 10.39 -16.67
C THR A 267 15.70 9.34 -17.72
N TYR A 268 15.23 9.49 -18.95
CA TYR A 268 15.63 8.60 -20.04
C TYR A 268 17.09 8.77 -20.42
N ILE A 269 17.81 9.74 -19.84
CA ILE A 269 19.25 9.79 -19.95
C ILE A 269 19.91 8.68 -19.16
N LEU A 270 19.22 8.12 -18.15
CA LEU A 270 19.85 7.18 -17.23
C LEU A 270 20.17 5.84 -17.89
N PRO A 271 19.29 5.25 -18.70
CA PRO A 271 19.72 4.06 -19.47
C PRO A 271 20.94 4.31 -20.35
N ALA A 272 21.12 5.53 -20.84
CA ALA A 272 22.27 5.81 -21.70
C ALA A 272 23.55 5.95 -20.88
N VAL A 273 23.47 6.57 -19.69
CA VAL A 273 24.62 6.60 -18.80
C VAL A 273 25.03 5.18 -18.40
N ILE A 274 24.05 4.30 -18.19
CA ILE A 274 24.34 2.91 -17.84
C ILE A 274 25.15 2.24 -18.94
N LYS A 275 24.73 2.42 -20.19
CA LYS A 275 25.44 1.89 -21.34
C LYS A 275 26.78 2.59 -21.55
N GLU A 276 26.75 3.86 -21.94
CA GLU A 276 27.95 4.53 -22.42
C GLU A 276 28.93 4.87 -21.30
N GLY A 277 28.42 5.31 -20.14
CA GLY A 277 29.32 5.89 -19.16
C GLY A 277 29.35 5.28 -17.77
N ASP A 278 29.50 6.13 -16.77
CA ASP A 278 29.64 5.72 -15.37
C ASP A 278 28.55 6.36 -14.51
N PRO A 279 27.62 5.57 -13.98
CA PRO A 279 26.49 6.16 -13.22
C PRO A 279 26.90 6.88 -11.95
N LYS A 280 27.97 6.41 -11.30
CA LYS A 280 28.45 7.09 -10.08
C LYS A 280 28.70 8.57 -10.33
N ASN A 281 29.12 8.92 -11.55
CA ASN A 281 29.59 10.26 -11.89
C ASN A 281 28.46 11.22 -12.27
N VAL A 282 27.19 10.84 -12.13
CA VAL A 282 26.09 11.68 -12.56
C VAL A 282 25.34 12.20 -11.35
N GLY A 283 25.19 13.52 -11.28
CA GLY A 283 24.34 14.15 -10.29
C GLY A 283 23.07 14.70 -10.95
N PHE A 284 22.14 15.11 -10.09
CA PHE A 284 20.86 15.66 -10.51
C PHE A 284 20.53 16.82 -9.59
N VAL A 285 20.15 17.96 -10.17
CA VAL A 285 19.67 19.09 -9.38
C VAL A 285 18.41 19.62 -10.05
N VAL A 286 17.66 20.41 -9.27
CA VAL A 286 16.31 20.83 -9.62
C VAL A 286 16.29 22.34 -9.74
N PRO A 287 15.81 22.91 -10.84
CA PRO A 287 15.66 24.37 -10.91
C PRO A 287 14.86 24.91 -9.73
N THR A 288 15.45 25.88 -9.04
CA THR A 288 14.90 26.41 -7.80
C THR A 288 15.12 27.91 -7.75
N GLU A 289 14.03 28.65 -7.50
CA GLU A 289 14.13 30.08 -7.24
C GLU A 289 13.22 30.43 -6.08
N LYS A 290 11.94 30.67 -6.37
CA LYS A 290 10.95 30.83 -5.30
C LYS A 290 10.53 29.49 -4.71
N ASN A 291 10.46 28.46 -5.55
CA ASN A 291 10.28 27.08 -5.09
C ASN A 291 11.05 26.17 -6.05
N SER A 292 10.96 24.87 -5.82
CA SER A 292 11.61 23.89 -6.67
C SER A 292 10.59 23.28 -7.62
N ALA A 293 11.00 23.08 -8.87
CA ALA A 293 10.08 22.60 -9.89
C ALA A 293 10.81 21.62 -10.79
N VAL A 294 10.32 20.38 -10.83
CA VAL A 294 10.75 19.37 -11.79
C VAL A 294 9.61 19.16 -12.77
N TYR A 295 9.95 19.03 -14.05
CA TYR A 295 8.91 18.66 -14.99
C TYR A 295 8.63 17.16 -14.86
N GLY A 296 7.39 16.77 -15.14
CA GLY A 296 7.03 15.38 -14.98
C GLY A 296 5.95 14.93 -15.94
N MET A 297 6.07 13.73 -16.48
CA MET A 297 5.01 13.12 -17.27
C MET A 297 4.57 11.85 -16.56
N LEU A 298 3.28 11.77 -16.23
CA LEU A 298 2.73 10.58 -15.59
C LEU A 298 2.19 9.64 -16.66
N THR A 299 2.35 8.35 -16.41
CA THR A 299 1.61 7.34 -17.15
C THR A 299 0.57 6.75 -16.21
N SER A 300 -0.67 6.67 -16.68
CA SER A 300 -1.76 6.12 -15.87
C SER A 300 -2.46 5.01 -16.62
N LEU A 301 -3.21 4.22 -15.87
CA LEU A 301 -4.23 3.36 -16.41
C LEU A 301 -5.57 4.06 -16.15
N THR A 302 -6.37 4.22 -17.20
CA THR A 302 -7.69 4.79 -17.00
C THR A 302 -8.73 3.80 -17.46
N ILE A 303 -9.96 4.02 -17.01
CA ILE A 303 -11.09 3.14 -17.30
C ILE A 303 -12.07 3.95 -18.13
N THR A 304 -12.50 3.39 -19.26
CA THR A 304 -13.31 4.18 -20.17
C THR A 304 -14.80 4.04 -19.88
N ALA A 305 -15.54 5.04 -20.34
CA ALA A 305 -16.97 5.20 -20.08
C ALA A 305 -17.79 4.43 -21.11
N GLY A 306 -19.08 4.25 -20.80
CA GLY A 306 -19.99 3.60 -21.71
C GLY A 306 -19.91 2.09 -21.78
N GLN A 307 -19.19 1.46 -20.88
CA GLN A 307 -19.09 0.00 -20.90
C GLN A 307 -20.21 -0.61 -20.06
N LYS A 308 -20.52 -1.89 -20.32
CA LYS A 308 -21.44 -2.60 -19.46
C LYS A 308 -20.91 -2.61 -18.02
N THR A 309 -21.85 -2.63 -17.07
CA THR A 309 -21.48 -2.56 -15.66
C THR A 309 -20.50 -3.66 -15.27
N GLU A 310 -20.71 -4.89 -15.76
CA GLU A 310 -19.80 -5.99 -15.45
C GLU A 310 -18.44 -5.79 -16.08
N GLU A 311 -18.37 -5.17 -17.26
CA GLU A 311 -17.08 -4.81 -17.84
C GLU A 311 -16.37 -3.80 -16.94
N THR A 312 -17.12 -2.81 -16.43
CA THR A 312 -16.53 -1.75 -15.63
C THR A 312 -15.99 -2.28 -14.31
N GLU A 313 -16.73 -3.16 -13.66
CA GLU A 313 -16.25 -3.70 -12.39
C GLU A 313 -15.00 -4.55 -12.61
N ALA A 314 -14.96 -5.28 -13.73
CA ALA A 314 -13.77 -6.04 -14.08
C ALA A 314 -12.57 -5.11 -14.29
N ALA A 315 -12.77 -4.00 -15.00
CA ALA A 315 -11.68 -3.04 -15.17
C ALA A 315 -11.23 -2.49 -13.82
N GLU A 316 -12.19 -2.22 -12.92
CA GLU A 316 -11.83 -1.71 -11.60
C GLU A 316 -10.94 -2.70 -10.84
N LYS A 317 -11.32 -3.99 -10.82
CA LYS A 317 -10.52 -5.01 -10.18
C LYS A 317 -9.14 -5.13 -10.84
N PHE A 318 -9.10 -5.04 -12.18
CA PHE A 318 -7.82 -5.15 -12.86
C PHE A 318 -6.88 -4.01 -12.48
N VAL A 319 -7.37 -2.77 -12.52
CA VAL A 319 -6.45 -1.67 -12.20
C VAL A 319 -6.07 -1.70 -10.73
N THR A 320 -7.00 -2.09 -9.85
CA THR A 320 -6.65 -2.26 -8.45
C THR A 320 -5.57 -3.32 -8.26
N PHE A 321 -5.68 -4.44 -8.99
CA PHE A 321 -4.64 -5.47 -8.99
C PHE A 321 -3.30 -4.89 -9.42
N MET A 322 -3.30 -4.11 -10.50
CA MET A 322 -2.05 -3.57 -11.03
C MET A 322 -1.34 -2.67 -10.03
N GLU A 323 -2.05 -2.14 -9.04
CA GLU A 323 -1.46 -1.26 -8.05
C GLU A 323 -0.92 -2.00 -6.82
N GLN A 324 -1.19 -3.29 -6.68
CA GLN A 324 -0.57 -4.03 -5.57
C GLN A 324 0.94 -4.14 -5.81
N ALA A 325 1.67 -4.34 -4.70
CA ALA A 325 3.11 -4.06 -4.67
C ALA A 325 3.88 -4.86 -5.72
N ASP A 326 3.63 -6.16 -5.81
CA ASP A 326 4.41 -7.00 -6.72
C ASP A 326 4.07 -6.74 -8.18
N ASN A 327 2.81 -6.42 -8.47
CA ASN A 327 2.42 -6.21 -9.84
C ASN A 327 2.89 -4.84 -10.34
N ILE A 328 2.69 -3.79 -9.52
CA ILE A 328 3.13 -2.45 -9.90
C ILE A 328 4.64 -2.43 -10.07
N ALA A 329 5.36 -3.19 -9.23
CA ALA A 329 6.82 -3.25 -9.36
C ALA A 329 7.24 -3.87 -10.69
N ASP A 330 6.56 -4.93 -11.12
CA ASP A 330 6.90 -5.53 -12.42
C ASP A 330 6.60 -4.57 -13.56
N TRP A 331 5.54 -3.77 -13.44
CA TRP A 331 5.23 -2.78 -14.46
C TRP A 331 6.36 -1.77 -14.58
N VAL A 332 6.72 -1.16 -13.45
CA VAL A 332 7.70 -0.07 -13.43
C VAL A 332 9.07 -0.56 -13.87
N MET A 333 9.42 -1.81 -13.54
CA MET A 333 10.73 -2.34 -13.94
C MET A 333 10.80 -2.75 -15.40
N MET A 334 9.72 -2.59 -16.17
CA MET A 334 9.85 -2.72 -17.62
C MET A 334 10.75 -1.64 -18.21
N SER A 335 10.98 -0.55 -17.47
CA SER A 335 11.88 0.53 -17.88
C SER A 335 12.68 1.01 -16.67
N PRO A 336 13.58 0.16 -16.15
CA PRO A 336 14.31 0.55 -14.95
C PRO A 336 15.23 1.73 -15.22
N GLY A 337 15.31 2.62 -14.26
CA GLY A 337 16.05 3.86 -14.45
C GLY A 337 15.26 4.97 -15.11
N ALA A 338 14.61 4.67 -16.23
CA ALA A 338 13.87 5.70 -16.96
C ALA A 338 12.54 6.03 -16.30
N ALA A 339 11.83 5.04 -15.79
CA ALA A 339 10.52 5.25 -15.19
C ALA A 339 10.62 5.27 -13.67
N LEU A 340 9.97 6.21 -13.07
CA LEU A 340 10.00 6.19 -11.63
C LEU A 340 8.70 5.62 -11.07
N PRO A 341 8.77 5.02 -9.90
CA PRO A 341 7.55 4.60 -9.22
C PRO A 341 6.84 5.79 -8.60
N VAL A 342 5.51 5.81 -8.72
CA VAL A 342 4.67 6.80 -8.04
C VAL A 342 3.85 6.19 -6.93
N ASN A 343 3.93 4.88 -6.75
CA ASN A 343 3.30 4.14 -5.66
C ASN A 343 4.38 3.81 -4.64
N LYS A 344 4.12 4.13 -3.37
CA LYS A 344 5.12 3.96 -2.32
C LYS A 344 5.51 2.50 -2.08
N ALA A 345 4.75 1.53 -2.60
CA ALA A 345 5.08 0.14 -2.32
C ALA A 345 6.22 -0.41 -3.17
N VAL A 346 6.53 0.23 -4.31
CA VAL A 346 7.49 -0.36 -5.24
C VAL A 346 8.86 -0.56 -4.58
N VAL A 347 9.33 0.46 -3.85
CA VAL A 347 10.67 0.37 -3.29
C VAL A 347 10.80 -0.69 -2.20
N THR A 348 9.71 -1.31 -1.76
CA THR A 348 9.80 -2.36 -0.77
C THR A 348 9.95 -3.74 -1.37
N THR A 349 9.80 -3.87 -2.69
CA THR A 349 9.79 -5.17 -3.33
C THR A 349 11.20 -5.62 -3.69
N ALA A 350 11.39 -6.94 -3.64
CA ALA A 350 12.65 -7.52 -4.11
C ALA A 350 12.87 -7.23 -5.58
N THR A 351 11.78 -7.13 -6.36
CA THR A 351 11.90 -6.73 -7.76
C THR A 351 12.66 -5.42 -7.90
N TRP A 352 12.42 -4.46 -7.01
CA TRP A 352 13.07 -3.17 -7.11
C TRP A 352 14.47 -3.20 -6.54
N LYS A 353 14.62 -3.77 -5.34
CA LYS A 353 15.90 -3.73 -4.64
C LYS A 353 16.95 -4.66 -5.26
N ASP A 354 16.55 -5.68 -6.02
CA ASP A 354 17.50 -6.60 -6.63
C ASP A 354 17.70 -6.36 -8.12
N ASN A 355 17.05 -5.35 -8.68
CA ASN A 355 17.27 -5.00 -10.07
C ASN A 355 18.69 -4.51 -10.28
N ASP A 356 19.37 -5.01 -11.32
CA ASP A 356 20.75 -4.62 -11.56
C ASP A 356 20.88 -3.14 -11.90
N VAL A 357 19.95 -2.62 -12.70
CA VAL A 357 20.00 -1.20 -13.08
C VAL A 357 19.86 -0.32 -11.86
N ILE A 358 18.92 -0.66 -10.97
CA ILE A 358 18.63 0.17 -9.81
C ILE A 358 19.82 0.19 -8.85
N LYS A 359 20.52 -0.94 -8.72
CA LYS A 359 21.69 -0.97 -7.85
C LYS A 359 22.86 -0.20 -8.46
N ALA A 360 22.97 -0.21 -9.79
CA ALA A 360 24.05 0.52 -10.46
C ALA A 360 23.93 2.03 -10.28
N LEU A 361 22.72 2.54 -10.04
CA LEU A 361 22.47 3.96 -9.93
C LEU A 361 22.65 4.52 -8.53
N GLY A 362 22.72 3.66 -7.52
CA GLY A 362 23.11 4.11 -6.18
C GLY A 362 22.04 4.95 -5.51
N GLU A 363 22.43 6.13 -5.01
CA GLU A 363 21.51 7.03 -4.33
C GLU A 363 20.58 7.75 -5.28
N LEU A 364 20.84 7.69 -6.59
CA LEU A 364 20.03 8.43 -7.55
C LEU A 364 18.55 8.05 -7.50
N PRO A 365 18.15 6.78 -7.59
CA PRO A 365 16.70 6.49 -7.60
C PRO A 365 15.97 7.03 -6.38
N ASN A 366 16.58 6.97 -5.20
CA ASN A 366 15.94 7.57 -4.03
C ASN A 366 15.91 9.08 -4.13
N GLN A 367 16.98 9.69 -4.64
CA GLN A 367 16.93 11.13 -4.82
C GLN A 367 15.81 11.53 -5.77
N LEU A 368 15.66 10.79 -6.87
CA LEU A 368 14.65 11.16 -7.87
C LEU A 368 13.24 11.00 -7.33
N ILE A 369 12.95 9.86 -6.69
CA ILE A 369 11.66 9.68 -6.05
C ILE A 369 11.38 10.81 -5.07
N GLY A 370 12.41 11.22 -4.34
CA GLY A 370 12.25 12.33 -3.41
C GLY A 370 11.85 13.64 -4.06
N GLU A 371 12.02 13.77 -5.37
CA GLU A 371 11.67 15.01 -6.05
C GLU A 371 10.28 14.99 -6.65
N LEU A 372 9.54 13.90 -6.48
CA LEU A 372 8.17 13.86 -6.99
C LEU A 372 7.22 14.88 -6.34
N PRO A 373 7.37 15.28 -5.07
CA PRO A 373 6.49 16.36 -4.56
C PRO A 373 6.71 17.68 -5.27
N ASN A 374 7.80 17.81 -6.01
CA ASN A 374 8.13 19.05 -6.70
C ASN A 374 7.69 19.05 -8.15
N ILE A 375 6.93 18.03 -8.59
CA ILE A 375 6.48 18.04 -9.98
C ILE A 375 5.54 19.22 -10.21
N GLN A 376 5.87 20.03 -11.22
CA GLN A 376 4.98 21.09 -11.66
C GLN A 376 4.91 21.06 -13.17
N VAL A 377 3.73 21.35 -13.72
CA VAL A 377 3.56 21.43 -15.18
C VAL A 377 2.62 22.58 -15.48
N PHE A 378 2.83 23.19 -16.65
CA PHE A 378 1.92 24.23 -17.12
C PHE A 378 0.52 23.68 -17.23
N GLY A 379 -0.47 24.47 -16.80
CA GLY A 379 -1.85 24.06 -16.83
C GLY A 379 -2.37 23.43 -15.55
N ALA A 380 -1.48 22.95 -14.68
CA ALA A 380 -1.86 22.34 -13.41
C ALA A 380 -1.69 23.40 -12.34
N VAL A 381 -2.80 23.94 -11.90
CA VAL A 381 -2.82 25.06 -10.98
C VAL A 381 -3.59 24.61 -9.74
N GLY A 382 -2.87 24.38 -8.64
CA GLY A 382 -3.52 23.80 -7.49
C GLY A 382 -4.02 22.40 -7.82
N ASP A 383 -5.29 22.13 -7.53
CA ASP A 383 -5.88 20.82 -7.77
C ASP A 383 -6.75 20.79 -9.02
N LYS A 384 -6.48 21.68 -9.97
CA LYS A 384 -7.14 21.68 -11.26
C LYS A 384 -6.10 21.62 -12.36
N ASN A 385 -6.37 20.83 -13.40
CA ASN A 385 -5.48 20.81 -14.56
C ASN A 385 -6.33 21.20 -15.75
N PHE A 386 -6.06 22.39 -16.32
CA PHE A 386 -6.94 22.96 -17.32
C PHE A 386 -6.72 22.31 -18.68
N THR A 387 -7.81 21.92 -19.32
CA THR A 387 -7.70 21.17 -20.57
C THR A 387 -7.26 22.05 -21.74
N ARG A 388 -7.48 23.36 -21.69
CA ARG A 388 -6.99 24.21 -22.76
C ARG A 388 -5.46 24.24 -22.85
N MET A 389 -4.74 23.73 -21.85
CA MET A 389 -3.29 23.63 -21.96
C MET A 389 -2.87 22.72 -23.11
N GLY A 390 -3.70 21.72 -23.45
CA GLY A 390 -3.40 20.90 -24.61
C GLY A 390 -3.34 21.73 -25.90
N ASP A 391 -4.25 22.69 -26.04
CA ASP A 391 -4.22 23.56 -27.21
C ASP A 391 -3.04 24.51 -27.16
N VAL A 392 -2.73 25.04 -25.99
CA VAL A 392 -1.53 25.86 -25.84
C VAL A 392 -0.32 25.07 -26.32
N THR A 393 -0.12 23.88 -25.76
CA THR A 393 1.00 23.02 -26.14
C THR A 393 0.92 22.67 -27.62
N GLY A 394 -0.27 22.29 -28.09
CA GLY A 394 -0.40 21.94 -29.50
C GLY A 394 -0.05 23.07 -30.45
N SER A 395 -0.14 24.33 -29.99
CA SER A 395 0.14 25.44 -30.89
C SER A 395 1.63 25.74 -31.01
N GLY A 396 2.46 25.24 -30.09
CA GLY A 396 3.87 25.55 -30.03
C GLY A 396 4.22 26.99 -29.71
N VAL A 397 3.23 27.84 -29.37
CA VAL A 397 3.51 29.25 -29.12
C VAL A 397 4.57 29.42 -28.01
N VAL A 398 4.52 28.59 -26.98
CA VAL A 398 5.39 28.85 -25.84
C VAL A 398 6.84 28.45 -26.13
N SER A 399 7.07 27.33 -26.80
CA SER A 399 8.44 26.98 -27.15
C SER A 399 8.96 27.82 -28.29
N SER A 400 8.06 28.27 -29.18
CA SER A 400 8.46 29.17 -30.25
C SER A 400 8.87 30.52 -29.70
N MET A 401 8.07 31.04 -28.77
CA MET A 401 8.42 32.23 -28.03
C MET A 401 9.83 32.11 -27.44
N VAL A 402 10.08 31.04 -26.68
CA VAL A 402 11.41 30.85 -26.11
C VAL A 402 12.47 30.79 -27.21
N HIS A 403 12.19 30.03 -28.26
CA HIS A 403 13.09 29.92 -29.40
C HIS A 403 13.44 31.29 -30.00
N ASN A 404 12.43 32.13 -30.20
CA ASN A 404 12.65 33.43 -30.83
C ASN A 404 13.58 34.30 -30.00
N VAL A 405 13.41 34.30 -28.67
CA VAL A 405 14.24 35.18 -27.84
C VAL A 405 15.63 34.60 -27.57
N THR A 406 15.82 33.28 -27.65
CA THR A 406 17.12 32.68 -27.33
C THR A 406 17.99 32.43 -28.56
N VAL A 407 17.42 31.87 -29.63
CA VAL A 407 18.15 31.66 -30.88
C VAL A 407 18.02 32.86 -31.80
N GLY A 408 16.80 33.40 -31.94
CA GLY A 408 16.56 34.49 -32.87
C GLY A 408 17.02 35.84 -32.36
N LYS A 409 17.29 35.94 -31.06
CA LYS A 409 17.68 37.19 -30.43
C LYS A 409 16.57 38.23 -30.51
N ALA A 410 15.33 37.78 -30.50
CA ALA A 410 14.22 38.72 -30.64
C ALA A 410 14.02 39.49 -29.34
N ASP A 411 13.47 40.70 -29.48
CA ASP A 411 13.13 41.51 -28.33
C ASP A 411 12.20 40.72 -27.41
N LEU A 412 12.57 40.63 -26.14
CA LEU A 412 11.88 39.73 -25.23
C LEU A 412 10.49 40.26 -24.84
N SER A 413 10.37 41.57 -24.56
CA SER A 413 9.10 42.07 -24.05
C SER A 413 8.01 42.09 -25.13
N THR A 414 8.37 42.43 -26.37
CA THR A 414 7.34 42.44 -27.41
C THR A 414 7.03 41.03 -27.91
N THR A 415 7.97 40.10 -27.81
CA THR A 415 7.65 38.71 -28.15
C THR A 415 6.72 38.09 -27.11
N LEU A 416 6.97 38.35 -25.84
CA LEU A 416 6.08 37.88 -24.78
C LEU A 416 4.68 38.45 -24.98
N GLN A 417 4.61 39.72 -25.38
CA GLN A 417 3.32 40.38 -25.59
C GLN A 417 2.62 39.82 -26.81
N ALA A 418 3.35 39.62 -27.91
CA ALA A 418 2.75 38.97 -29.08
C ALA A 418 2.29 37.56 -28.75
N SER A 419 3.02 36.86 -27.88
CA SER A 419 2.65 35.48 -27.55
C SER A 419 1.35 35.44 -26.76
N GLN A 420 1.19 36.36 -25.80
CA GLN A 420 -0.08 36.45 -25.09
C GLN A 420 -1.23 36.65 -26.06
N LYS A 421 -1.03 37.47 -27.08
CA LYS A 421 -2.13 37.78 -28.00
C LYS A 421 -2.45 36.61 -28.91
N LYS A 422 -1.43 35.83 -29.30
CA LYS A 422 -1.71 34.62 -30.10
C LYS A 422 -2.52 33.60 -29.31
N LEU A 423 -2.25 33.46 -28.00
CA LEU A 423 -2.98 32.49 -27.19
C LEU A 423 -4.42 32.95 -26.96
N ASP A 424 -4.61 34.21 -26.59
CA ASP A 424 -5.94 34.79 -26.48
C ASP A 424 -6.76 34.54 -27.74
N GLU A 425 -6.15 34.73 -28.91
CA GLU A 425 -6.83 34.47 -30.18
C GLU A 425 -7.01 32.98 -30.43
N LEU A 426 -6.14 32.14 -29.86
CA LEU A 426 -6.24 30.71 -30.07
C LEU A 426 -7.44 30.13 -29.35
N ILE A 427 -7.53 30.34 -28.04
CA ILE A 427 -8.73 30.02 -27.29
C ILE A 427 -9.69 31.21 -27.41
N THR B 27 -37.33 3.12 -3.62
CA THR B 27 -36.00 2.84 -4.15
C THR B 27 -34.93 3.08 -3.07
N ASN B 28 -35.35 3.53 -1.88
CA ASN B 28 -34.48 3.61 -0.71
C ASN B 28 -34.50 2.28 0.04
N VAL B 29 -33.33 1.82 0.48
CA VAL B 29 -33.24 0.60 1.27
C VAL B 29 -32.43 0.89 2.54
N SER B 30 -32.77 0.18 3.61
CA SER B 30 -32.15 0.32 4.93
C SER B 30 -31.60 -1.03 5.39
N ILE B 31 -30.45 -1.01 6.08
CA ILE B 31 -29.85 -2.23 6.60
C ILE B 31 -29.28 -1.94 7.98
N GLU B 32 -29.01 -3.03 8.73
CA GLU B 32 -28.51 -2.95 10.09
C GLU B 32 -27.08 -3.50 10.15
N PHE B 33 -26.23 -2.78 10.87
CA PHE B 33 -24.84 -3.18 11.14
C PHE B 33 -24.74 -3.47 12.64
N MET B 34 -24.56 -4.74 13.00
CA MET B 34 -24.38 -5.13 14.39
C MET B 34 -22.89 -5.20 14.71
N HIS B 35 -22.49 -4.61 15.82
CA HIS B 35 -21.08 -4.59 16.20
C HIS B 35 -21.01 -4.53 17.71
N SER B 36 -19.79 -4.68 18.25
CA SER B 36 -19.61 -4.78 19.69
C SER B 36 -19.00 -3.52 20.31
N SER B 37 -18.94 -2.42 19.57
CA SER B 37 -18.42 -1.16 20.11
C SER B 37 -19.55 -0.41 20.81
N VAL B 38 -19.69 -0.66 22.11
CA VAL B 38 -20.71 0.04 22.89
C VAL B 38 -20.19 1.35 23.46
N GLU B 39 -18.87 1.51 23.58
CA GLU B 39 -18.29 2.75 24.05
C GLU B 39 -18.60 3.87 23.06
N GLN B 40 -18.98 5.04 23.59
CA GLN B 40 -19.51 6.09 22.75
C GLN B 40 -18.46 6.72 21.85
N GLU B 41 -17.18 6.72 22.25
CA GLU B 41 -16.14 7.25 21.36
C GLU B 41 -16.00 6.39 20.12
N ARG B 42 -16.27 5.08 20.23
CA ARG B 42 -16.21 4.21 19.06
C ARG B 42 -17.46 4.33 18.21
N GLN B 43 -18.63 4.42 18.87
CA GLN B 43 -19.85 4.68 18.12
C GLN B 43 -19.73 5.94 17.28
N ALA B 44 -19.09 6.97 17.83
CA ALA B 44 -18.89 8.22 17.09
C ALA B 44 -18.09 7.97 15.81
N VAL B 45 -17.03 7.18 15.89
CA VAL B 45 -16.26 6.84 14.69
C VAL B 45 -17.13 6.11 13.69
N ILE B 46 -17.84 5.07 14.14
CA ILE B 46 -18.72 4.31 13.25
C ILE B 46 -19.85 5.17 12.71
N SER B 47 -20.37 6.14 13.51
CA SER B 47 -21.38 7.05 12.97
C SER B 47 -20.78 7.92 11.87
N LYS B 48 -19.52 8.34 12.02
CA LYS B 48 -18.91 9.15 10.97
C LYS B 48 -18.67 8.33 9.71
N LEU B 49 -18.32 7.06 9.87
CA LEU B 49 -18.10 6.20 8.70
C LEU B 49 -19.39 5.95 7.97
N ILE B 50 -20.46 5.72 8.72
CA ILE B 50 -21.78 5.49 8.13
C ILE B 50 -22.27 6.73 7.38
N ALA B 51 -22.11 7.92 7.97
CA ALA B 51 -22.52 9.15 7.29
C ALA B 51 -21.77 9.34 5.98
N ARG B 52 -20.45 9.13 6.02
CA ARG B 52 -19.65 9.17 4.80
C ARG B 52 -20.16 8.17 3.78
N PHE B 53 -20.51 6.95 4.21
CA PHE B 53 -20.99 5.92 3.28
C PHE B 53 -22.29 6.34 2.62
N GLU B 54 -23.27 6.74 3.43
CA GLU B 54 -24.55 7.16 2.88
C GLU B 54 -24.43 8.38 1.98
N LYS B 55 -23.47 9.26 2.28
CA LYS B 55 -23.22 10.39 1.39
C LYS B 55 -22.70 9.93 0.03
N GLU B 56 -21.90 8.88 0.01
CA GLU B 56 -21.35 8.37 -1.24
C GLU B 56 -22.29 7.40 -1.94
N ASN B 57 -23.34 6.94 -1.26
CA ASN B 57 -24.24 5.92 -1.78
C ASN B 57 -25.68 6.32 -1.50
N PRO B 58 -26.17 7.35 -2.19
CA PRO B 58 -27.55 7.79 -1.96
C PRO B 58 -28.52 6.62 -2.12
N GLY B 59 -29.56 6.61 -1.28
CA GLY B 59 -30.56 5.58 -1.30
C GLY B 59 -30.32 4.43 -0.34
N ILE B 60 -29.23 4.47 0.44
CA ILE B 60 -28.91 3.43 1.41
C ILE B 60 -28.78 4.06 2.78
N THR B 61 -29.50 3.52 3.75
CA THR B 61 -29.32 3.86 5.14
C THR B 61 -28.72 2.65 5.88
N VAL B 62 -27.80 2.90 6.80
CA VAL B 62 -27.23 1.88 7.67
C VAL B 62 -27.50 2.27 9.11
N LYS B 63 -28.13 1.36 9.85
CA LYS B 63 -28.45 1.56 11.26
C LYS B 63 -27.50 0.74 12.14
N GLN B 64 -26.98 1.36 13.20
CA GLN B 64 -26.12 0.62 14.12
C GLN B 64 -26.94 -0.22 15.08
N VAL B 65 -26.47 -1.43 15.35
CA VAL B 65 -27.01 -2.27 16.41
C VAL B 65 -25.85 -2.66 17.32
N PRO B 66 -25.45 -1.80 18.26
CA PRO B 66 -24.31 -2.14 19.13
C PRO B 66 -24.74 -3.12 20.20
N VAL B 67 -23.98 -4.20 20.35
CA VAL B 67 -24.28 -5.26 21.30
C VAL B 67 -23.00 -5.64 22.02
N GLU B 68 -23.02 -5.56 23.36
CA GLU B 68 -21.88 -6.01 24.14
C GLU B 68 -21.54 -7.45 23.83
N GLU B 69 -20.25 -7.79 23.85
CA GLU B 69 -19.84 -9.13 23.46
C GLU B 69 -20.35 -10.20 24.43
N ASP B 70 -20.60 -9.83 25.69
CA ASP B 70 -21.27 -10.74 26.63
C ASP B 70 -22.61 -11.21 26.07
N ALA B 71 -23.40 -10.29 25.51
CA ALA B 71 -24.75 -10.59 25.05
C ALA B 71 -24.79 -10.96 23.57
N TYR B 72 -23.64 -11.15 22.94
CA TYR B 72 -23.60 -11.22 21.48
C TYR B 72 -24.26 -12.49 20.96
N ASN B 73 -23.88 -13.64 21.51
CA ASN B 73 -24.45 -14.90 21.04
C ASN B 73 -25.95 -14.97 21.30
N THR B 74 -26.38 -14.56 22.50
CA THR B 74 -27.80 -14.54 22.81
C THR B 74 -28.58 -13.70 21.82
N LYS B 75 -28.08 -12.49 21.54
CA LYS B 75 -28.75 -11.59 20.61
C LYS B 75 -28.86 -12.22 19.23
N VAL B 76 -27.76 -12.79 18.75
CA VAL B 76 -27.78 -13.48 17.46
C VAL B 76 -28.83 -14.58 17.47
N ILE B 77 -28.86 -15.41 18.52
CA ILE B 77 -29.85 -16.48 18.58
C ILE B 77 -31.26 -15.90 18.52
N THR B 78 -31.53 -14.89 19.34
CA THR B 78 -32.87 -14.31 19.42
C THR B 78 -33.29 -13.67 18.10
N LEU B 79 -32.38 -12.92 17.46
CA LEU B 79 -32.76 -12.22 16.23
C LEU B 79 -32.88 -13.18 15.05
N SER B 80 -31.98 -14.17 14.97
CA SER B 80 -32.11 -15.13 13.89
C SER B 80 -33.30 -16.07 14.07
N ARG B 81 -33.97 -16.05 15.22
CA ARG B 81 -35.17 -16.84 15.42
C ARG B 81 -36.43 -16.08 15.00
N SER B 82 -36.52 -14.80 15.32
CA SER B 82 -37.57 -13.94 14.80
C SER B 82 -37.24 -13.38 13.41
N GLY B 83 -36.31 -14.01 12.70
CA GLY B 83 -36.03 -13.66 11.32
C GLY B 83 -35.59 -12.24 11.07
N SER B 84 -34.87 -11.62 12.01
CA SER B 84 -34.42 -10.24 11.89
C SER B 84 -32.92 -10.11 12.15
N LEU B 85 -32.13 -11.04 11.60
CA LEU B 85 -30.69 -10.90 11.70
C LEU B 85 -30.24 -9.64 10.97
N PRO B 86 -29.40 -8.82 11.57
CA PRO B 86 -28.78 -7.72 10.82
C PRO B 86 -28.02 -8.21 9.60
N GLU B 87 -28.09 -7.40 8.53
CA GLU B 87 -27.39 -7.72 7.28
C GLU B 87 -25.88 -7.82 7.46
N VAL B 88 -25.31 -7.02 8.35
CA VAL B 88 -23.87 -6.94 8.52
C VAL B 88 -23.58 -7.11 10.00
N ILE B 89 -22.64 -8.00 10.32
CA ILE B 89 -22.34 -8.36 11.70
C ILE B 89 -20.83 -8.42 11.86
N GLU B 90 -20.30 -7.73 12.85
CA GLU B 90 -18.89 -7.86 13.21
C GLU B 90 -18.70 -9.13 14.04
N THR B 91 -17.62 -9.86 13.77
CA THR B 91 -17.45 -11.14 14.44
C THR B 91 -15.99 -11.55 14.48
N SER B 92 -15.63 -12.26 15.54
CA SER B 92 -14.37 -13.00 15.57
C SER B 92 -14.43 -14.15 14.58
N HIS B 93 -13.24 -14.62 14.17
CA HIS B 93 -13.22 -15.67 13.17
C HIS B 93 -13.70 -17.01 13.73
N ASP B 94 -13.59 -17.23 15.04
CA ASP B 94 -14.13 -18.47 15.59
C ASP B 94 -15.64 -18.40 15.73
N TYR B 95 -16.20 -17.24 16.11
CA TYR B 95 -17.66 -17.15 16.12
C TYR B 95 -18.23 -17.18 14.72
N ALA B 96 -17.48 -16.70 13.73
CA ALA B 96 -17.96 -16.79 12.35
C ALA B 96 -18.07 -18.24 11.90
N LYS B 97 -17.18 -19.12 12.37
CA LYS B 97 -17.32 -20.53 12.02
C LYS B 97 -18.61 -21.11 12.57
N VAL B 98 -18.99 -20.71 13.79
CA VAL B 98 -20.23 -21.19 14.40
C VAL B 98 -21.43 -20.71 13.60
N MET B 99 -21.40 -19.45 13.15
CA MET B 99 -22.51 -18.92 12.37
C MET B 99 -22.58 -19.57 10.99
N ASP B 100 -21.44 -19.91 10.41
CA ASP B 100 -21.42 -20.57 9.11
C ASP B 100 -21.94 -21.99 9.21
N LYS B 101 -21.54 -22.71 10.26
CA LYS B 101 -22.10 -24.05 10.52
C LYS B 101 -23.63 -23.99 10.60
N GLU B 102 -24.17 -22.95 11.22
CA GLU B 102 -25.62 -22.70 11.28
C GLU B 102 -26.20 -22.21 9.97
N GLN B 103 -25.35 -22.00 8.95
CA GLN B 103 -25.76 -21.48 7.65
C GLN B 103 -26.36 -20.07 7.72
N LEU B 104 -25.88 -19.25 8.67
CA LEU B 104 -26.34 -17.87 8.78
C LEU B 104 -25.60 -16.89 7.86
N ILE B 105 -24.55 -17.31 7.17
CA ILE B 105 -23.66 -16.41 6.45
C ILE B 105 -23.84 -16.57 4.94
N ASP B 106 -23.85 -15.43 4.24
CA ASP B 106 -24.01 -15.38 2.78
C ASP B 106 -22.63 -15.49 2.16
N ARG B 107 -22.19 -16.73 1.92
CA ARG B 107 -20.84 -16.95 1.40
C ARG B 107 -20.63 -16.27 0.05
N LYS B 108 -21.67 -16.26 -0.79
CA LYS B 108 -21.58 -15.61 -2.09
C LYS B 108 -21.32 -14.12 -1.92
N ALA B 109 -22.07 -13.47 -1.01
CA ALA B 109 -21.89 -12.05 -0.77
C ALA B 109 -20.52 -11.75 -0.20
N VAL B 110 -20.08 -12.53 0.79
CA VAL B 110 -18.73 -12.35 1.34
C VAL B 110 -17.69 -12.49 0.23
N ALA B 111 -17.82 -13.52 -0.61
CA ALA B 111 -16.85 -13.72 -1.68
C ALA B 111 -16.84 -12.56 -2.67
N THR B 112 -17.99 -11.92 -2.88
CA THR B 112 -18.05 -10.81 -3.80
C THR B 112 -17.28 -9.61 -3.27
N VAL B 113 -17.39 -9.32 -1.98
CA VAL B 113 -16.67 -8.21 -1.38
C VAL B 113 -15.17 -8.45 -1.41
N ILE B 114 -14.74 -9.66 -1.05
CA ILE B 114 -13.32 -9.94 -1.07
C ILE B 114 -12.75 -9.77 -2.48
N SER B 115 -13.51 -10.15 -3.49
CA SER B 115 -13.12 -9.95 -4.88
C SER B 115 -13.12 -8.46 -5.27
N ASN B 116 -14.10 -7.70 -4.79
CA ASN B 116 -14.04 -6.24 -4.95
C ASN B 116 -12.77 -5.69 -4.34
N VAL B 117 -12.40 -6.22 -3.17
CA VAL B 117 -11.18 -5.77 -2.51
C VAL B 117 -9.94 -6.29 -3.24
N GLY B 118 -10.00 -7.53 -3.72
CA GLY B 118 -8.83 -8.23 -4.24
C GLY B 118 -8.09 -8.94 -3.13
N GLU B 119 -7.81 -10.24 -3.28
CA GLU B 119 -7.13 -10.95 -2.20
C GLU B 119 -5.73 -10.39 -1.94
N GLY B 120 -5.08 -9.83 -2.98
CA GLY B 120 -3.75 -9.27 -2.82
C GLY B 120 -3.69 -8.08 -1.90
N ALA B 121 -4.83 -7.44 -1.61
CA ALA B 121 -4.93 -6.35 -0.65
C ALA B 121 -4.72 -6.79 0.79
N PHE B 122 -4.96 -8.07 1.11
CA PHE B 122 -4.74 -8.54 2.48
C PHE B 122 -3.34 -9.10 2.62
N TYR B 123 -2.73 -8.86 3.77
CA TYR B 123 -1.46 -9.51 4.06
C TYR B 123 -1.59 -11.03 3.96
N ASP B 124 -0.47 -11.68 3.65
CA ASP B 124 -0.44 -13.14 3.56
C ASP B 124 -0.85 -13.76 4.89
N GLY B 125 -1.48 -14.92 4.81
CA GLY B 125 -1.93 -15.64 5.99
C GLY B 125 -3.19 -15.11 6.63
N VAL B 126 -3.72 -13.97 6.19
CA VAL B 126 -4.90 -13.41 6.83
C VAL B 126 -6.15 -14.19 6.40
N LEU B 127 -6.38 -14.29 5.09
CA LEU B 127 -7.62 -14.89 4.61
C LEU B 127 -7.69 -16.40 4.83
N ARG B 128 -6.55 -17.08 4.96
CA ARG B 128 -6.55 -18.50 5.25
C ARG B 128 -7.34 -18.79 6.54
N ILE B 129 -7.21 -17.92 7.53
CA ILE B 129 -7.82 -18.13 8.83
C ILE B 129 -9.35 -18.15 8.75
N VAL B 130 -9.95 -17.41 7.81
CA VAL B 130 -11.41 -17.29 7.70
C VAL B 130 -11.97 -18.25 6.65
N ARG B 131 -11.17 -19.18 6.17
CA ARG B 131 -11.66 -20.16 5.21
C ARG B 131 -12.78 -20.98 5.83
N THR B 132 -13.73 -21.39 5.00
CA THR B 132 -14.75 -22.29 5.48
C THR B 132 -14.18 -23.72 5.63
N GLU B 133 -14.98 -24.59 6.22
CA GLU B 133 -14.55 -25.97 6.47
C GLU B 133 -14.23 -26.69 5.17
N ASP B 134 -15.12 -26.60 4.18
CA ASP B 134 -14.87 -27.21 2.88
C ASP B 134 -13.78 -26.49 2.09
N GLY B 135 -13.22 -25.41 2.61
CA GLY B 135 -12.21 -24.67 1.88
C GLY B 135 -12.70 -23.85 0.69
N SER B 136 -14.01 -23.85 0.42
CA SER B 136 -14.53 -23.26 -0.81
C SER B 136 -14.77 -21.75 -0.73
N ALA B 137 -14.79 -21.18 0.46
CA ALA B 137 -15.25 -19.81 0.63
C ALA B 137 -14.61 -19.23 1.89
N TRP B 138 -15.11 -18.06 2.29
CA TRP B 138 -14.70 -17.39 3.51
C TRP B 138 -15.93 -17.12 4.37
N THR B 139 -15.70 -16.98 5.68
CA THR B 139 -16.80 -16.69 6.60
C THR B 139 -17.05 -15.19 6.77
N GLY B 140 -16.22 -14.34 6.20
CA GLY B 140 -16.31 -12.92 6.47
C GLY B 140 -15.09 -12.21 5.94
N VAL B 141 -15.19 -10.88 5.93
CA VAL B 141 -14.17 -10.00 5.35
C VAL B 141 -13.33 -9.45 6.50
N PRO B 142 -12.10 -9.92 6.68
CA PRO B 142 -11.30 -9.47 7.83
C PRO B 142 -11.09 -7.96 7.81
N VAL B 143 -11.14 -7.36 9.01
CA VAL B 143 -10.89 -5.93 9.15
C VAL B 143 -9.80 -5.63 10.15
N SER B 144 -9.48 -6.53 11.08
CA SER B 144 -8.37 -6.31 11.99
C SER B 144 -7.93 -7.64 12.58
N ALA B 145 -6.83 -7.59 13.32
CA ALA B 145 -6.34 -8.77 14.01
C ALA B 145 -5.59 -8.35 15.28
N TRP B 146 -5.67 -9.17 16.32
CA TRP B 146 -4.66 -9.14 17.37
C TRP B 146 -3.82 -10.40 17.26
N ILE B 147 -2.58 -10.31 17.74
CA ILE B 147 -1.69 -11.46 17.69
C ILE B 147 -1.03 -11.63 19.05
N GLY B 148 -0.49 -12.82 19.26
CA GLY B 148 0.18 -13.16 20.50
C GLY B 148 1.57 -13.69 20.24
N GLY B 149 2.43 -13.50 21.23
CA GLY B 149 3.80 -13.94 21.12
C GLY B 149 4.55 -13.56 22.37
N ILE B 150 5.88 -13.60 22.28
CA ILE B 150 6.74 -13.40 23.44
C ILE B 150 7.17 -11.93 23.48
N TRP B 151 6.67 -11.21 24.48
CA TRP B 151 7.13 -9.86 24.79
C TRP B 151 8.22 -9.92 25.84
N TYR B 152 9.20 -9.03 25.73
CA TYR B 152 10.27 -8.99 26.71
C TYR B 152 10.72 -7.56 26.93
N ARG B 153 11.42 -7.34 28.05
CA ARG B 153 12.06 -6.06 28.32
C ARG B 153 13.45 -6.08 27.70
N LYS B 154 13.72 -5.12 26.81
CA LYS B 154 15.02 -5.05 26.16
C LYS B 154 16.14 -4.83 27.17
N ASP B 155 15.94 -3.91 28.12
CA ASP B 155 16.99 -3.55 29.06
C ASP B 155 17.41 -4.73 29.92
N VAL B 156 16.48 -5.61 30.30
CA VAL B 156 16.81 -6.73 31.18
C VAL B 156 17.71 -7.72 30.46
N LEU B 157 17.36 -8.10 29.23
CA LEU B 157 18.17 -9.06 28.49
C LEU B 157 19.53 -8.47 28.12
N ALA B 158 19.59 -7.16 27.90
CA ALA B 158 20.87 -6.52 27.68
C ALA B 158 21.71 -6.55 28.96
N LYS B 159 21.08 -6.23 30.10
CA LYS B 159 21.82 -6.18 31.36
C LYS B 159 22.33 -7.56 31.75
N ALA B 160 21.53 -8.61 31.55
CA ALA B 160 21.95 -9.98 31.83
C ALA B 160 22.90 -10.53 30.77
N GLY B 161 23.06 -9.83 29.65
CA GLY B 161 23.99 -10.25 28.61
C GLY B 161 23.48 -11.39 27.75
N LEU B 162 22.29 -11.23 27.20
CA LEU B 162 21.66 -12.25 26.38
C LEU B 162 21.11 -11.62 25.11
N GLU B 163 21.14 -12.38 24.03
CA GLU B 163 20.52 -11.94 22.79
C GLU B 163 19.06 -12.39 22.75
N GLU B 164 18.28 -11.71 21.93
CA GLU B 164 16.89 -12.09 21.73
C GLU B 164 16.82 -13.54 21.23
N PRO B 165 15.97 -14.39 21.83
CA PRO B 165 15.95 -15.80 21.46
C PRO B 165 15.22 -16.04 20.15
N LYS B 166 15.80 -16.91 19.32
CA LYS B 166 15.29 -17.14 17.97
C LYS B 166 14.71 -18.53 17.77
N ASN B 167 14.76 -19.40 18.77
CA ASN B 167 14.17 -20.73 18.63
C ASN B 167 13.88 -21.29 20.02
N TRP B 168 13.37 -22.53 20.06
CA TRP B 168 13.04 -23.18 21.33
C TRP B 168 14.27 -23.25 22.24
N GLN B 169 15.39 -23.71 21.70
CA GLN B 169 16.59 -23.87 22.52
C GLN B 169 16.97 -22.55 23.16
N GLN B 170 17.10 -21.50 22.34
CA GLN B 170 17.49 -20.20 22.86
C GLN B 170 16.48 -19.64 23.85
N LEU B 171 15.18 -19.83 23.58
CA LEU B 171 14.16 -19.33 24.50
C LEU B 171 14.28 -19.99 25.87
N LEU B 172 14.46 -21.31 25.88
CA LEU B 172 14.58 -22.03 27.15
C LEU B 172 15.83 -21.59 27.90
N ASP B 173 16.93 -21.35 27.17
CA ASP B 173 18.16 -20.92 27.81
C ASP B 173 18.01 -19.54 28.42
N VAL B 174 17.40 -18.61 27.67
CA VAL B 174 17.17 -17.28 28.21
C VAL B 174 16.30 -17.35 29.45
N ALA B 175 15.23 -18.15 29.41
CA ALA B 175 14.32 -18.24 30.56
C ALA B 175 15.03 -18.85 31.77
N GLN B 176 15.88 -19.86 31.55
CA GLN B 176 16.62 -20.48 32.65
C GLN B 176 17.56 -19.48 33.31
N LYS B 177 18.31 -18.73 32.49
CA LYS B 177 19.29 -17.79 33.03
C LYS B 177 18.64 -16.63 33.76
N LEU B 178 17.42 -16.26 33.39
CA LEU B 178 16.71 -15.18 34.06
C LEU B 178 15.85 -15.65 35.23
N ASN B 179 15.77 -16.95 35.47
CA ASN B 179 14.99 -17.47 36.58
C ASN B 179 15.67 -17.16 37.91
N ASP B 180 14.88 -16.67 38.88
CA ASP B 180 15.41 -16.28 40.17
C ASP B 180 14.37 -16.48 41.27
N PRO B 181 13.85 -17.71 41.45
CA PRO B 181 12.68 -17.88 42.33
C PRO B 181 12.90 -17.42 43.77
N ALA B 182 14.15 -17.37 44.23
CA ALA B 182 14.42 -16.84 45.56
C ALA B 182 13.93 -15.40 45.70
N ASN B 183 14.32 -14.53 44.78
CA ASN B 183 13.91 -13.13 44.82
C ASN B 183 12.48 -12.92 44.31
N LYS B 184 11.74 -13.99 44.06
CA LYS B 184 10.42 -13.91 43.42
C LYS B 184 10.49 -13.29 42.03
N LYS B 185 11.62 -13.45 41.35
CA LYS B 185 11.75 -13.13 39.95
C LYS B 185 11.77 -14.43 39.14
N TYR B 186 11.20 -14.39 37.94
CA TYR B 186 11.06 -15.59 37.13
C TYR B 186 11.48 -15.28 35.70
N GLY B 187 11.84 -16.36 34.98
CA GLY B 187 12.36 -16.19 33.64
C GLY B 187 11.33 -15.69 32.66
N ILE B 188 10.10 -16.19 32.77
CA ILE B 188 9.09 -15.95 31.75
C ILE B 188 7.71 -16.12 32.39
N ALA B 189 6.77 -15.28 32.00
CA ALA B 189 5.39 -15.39 32.45
C ALA B 189 4.62 -16.18 31.42
N LEU B 190 4.23 -17.40 31.77
CA LEU B 190 3.63 -18.34 30.83
C LEU B 190 2.25 -18.74 31.33
N PRO B 191 1.24 -18.76 30.46
CA PRO B 191 -0.09 -19.22 30.88
C PRO B 191 -0.07 -20.72 31.21
N THR B 192 -0.71 -21.07 32.34
CA THR B 192 -0.86 -22.46 32.76
C THR B 192 -2.25 -22.75 33.31
N ALA B 193 -3.17 -21.78 33.26
CA ALA B 193 -4.51 -21.97 33.80
C ALA B 193 -5.33 -22.84 32.87
N GLU B 194 -6.42 -23.39 33.42
CA GLU B 194 -7.46 -24.03 32.63
C GLU B 194 -8.30 -22.96 31.96
N SER B 195 -7.70 -22.31 30.96
CA SER B 195 -8.40 -21.26 30.24
C SER B 195 -7.94 -21.23 28.79
N VAL B 196 -8.73 -20.56 27.96
CA VAL B 196 -8.40 -20.46 26.53
C VAL B 196 -7.04 -19.80 26.32
N LEU B 197 -6.61 -18.93 27.23
CA LEU B 197 -5.31 -18.30 27.06
C LEU B 197 -4.19 -19.35 27.00
N THR B 198 -4.32 -20.40 27.81
CA THR B 198 -3.33 -21.48 27.80
C THR B 198 -3.36 -22.25 26.49
N GLU B 199 -4.54 -22.46 25.93
CA GLU B 199 -4.64 -23.15 24.66
C GLU B 199 -4.02 -22.33 23.54
N GLN B 200 -4.23 -21.01 23.57
CA GLN B 200 -3.65 -20.12 22.56
C GLN B 200 -2.15 -20.12 22.65
N SER B 201 -1.62 -19.94 23.85
CA SER B 201 -0.18 -19.86 24.05
C SER B 201 0.49 -21.19 23.72
N PHE B 202 -0.05 -22.29 24.24
CA PHE B 202 0.52 -23.59 23.91
C PHE B 202 0.46 -23.86 22.41
N SER B 203 -0.66 -23.50 21.77
CA SER B 203 -0.78 -23.70 20.32
C SER B 203 0.38 -23.08 19.56
N GLN B 204 0.98 -22.00 20.09
CA GLN B 204 2.09 -21.38 19.38
C GLN B 204 3.30 -22.31 19.35
N PHE B 205 3.60 -22.97 20.46
CA PHE B 205 4.71 -23.92 20.44
C PHE B 205 4.34 -25.18 19.68
N ALA B 206 3.10 -25.66 19.80
CA ALA B 206 2.69 -26.85 19.05
C ALA B 206 2.79 -26.60 17.55
N LEU B 207 2.20 -25.50 17.08
CA LEU B 207 2.22 -25.20 15.65
C LEU B 207 3.63 -24.88 15.16
N SER B 208 4.47 -24.25 15.98
CA SER B 208 5.86 -24.09 15.61
C SER B 208 6.56 -25.42 15.37
N ASN B 209 6.04 -26.53 15.93
CA ASN B 209 6.57 -27.86 15.71
C ASN B 209 5.74 -28.66 14.70
N GLN B 210 4.93 -27.98 13.89
CA GLN B 210 4.07 -28.63 12.90
C GLN B 210 3.05 -29.57 13.56
N ALA B 211 2.56 -29.22 14.75
CA ALA B 211 1.57 -30.04 15.47
C ALA B 211 0.25 -29.30 15.56
N ASN B 212 -0.74 -29.74 14.80
CA ASN B 212 -2.10 -29.19 14.86
C ASN B 212 -3.03 -30.22 15.50
N VAL B 213 -4.13 -29.74 16.08
CA VAL B 213 -5.11 -30.63 16.69
C VAL B 213 -5.85 -31.43 15.62
N PHE B 214 -5.90 -30.93 14.40
CA PHE B 214 -6.56 -31.59 13.29
C PHE B 214 -5.58 -31.84 12.17
N ASN B 215 -5.82 -32.91 11.41
CA ASN B 215 -5.09 -33.11 10.16
C ASN B 215 -5.97 -32.73 8.98
N ALA B 216 -5.40 -32.84 7.78
CA ALA B 216 -6.02 -32.36 6.56
C ALA B 216 -7.36 -33.04 6.29
N GLU B 217 -7.58 -34.23 6.82
CA GLU B 217 -8.85 -34.93 6.67
C GLU B 217 -9.87 -34.56 7.74
N GLY B 218 -9.55 -33.60 8.61
CA GLY B 218 -10.49 -33.22 9.65
C GLY B 218 -10.59 -34.19 10.81
N LYS B 219 -9.58 -35.02 11.03
CA LYS B 219 -9.56 -35.96 12.14
C LYS B 219 -8.77 -35.37 13.30
N ILE B 220 -9.24 -35.60 14.52
CA ILE B 220 -8.52 -35.12 15.69
C ILE B 220 -7.21 -35.90 15.84
N THR B 221 -6.08 -35.17 15.82
CA THR B 221 -4.74 -35.75 15.96
C THR B 221 -4.02 -35.04 17.11
N LEU B 222 -4.29 -35.47 18.33
CA LEU B 222 -3.66 -34.89 19.52
C LEU B 222 -2.50 -35.71 20.04
N ASP B 223 -2.67 -37.04 20.12
CA ASP B 223 -1.68 -37.95 20.69
C ASP B 223 -0.67 -38.36 19.62
N THR B 224 0.16 -37.42 19.21
CA THR B 224 1.18 -37.62 18.18
C THR B 224 2.57 -37.27 18.71
N PRO B 225 3.63 -37.75 18.07
CA PRO B 225 4.98 -37.43 18.57
C PRO B 225 5.31 -35.93 18.52
N GLU B 226 4.87 -35.22 17.48
CA GLU B 226 5.19 -33.79 17.43
C GLU B 226 4.41 -33.02 18.50
N MET B 227 3.18 -33.40 18.79
CA MET B 227 2.46 -32.75 19.88
C MET B 227 3.07 -33.09 21.24
N MET B 228 3.53 -34.34 21.40
CA MET B 228 4.19 -34.70 22.65
C MET B 228 5.48 -33.93 22.83
N GLN B 229 6.22 -33.72 21.73
CA GLN B 229 7.41 -32.88 21.75
C GLN B 229 7.11 -31.45 22.21
N ALA B 230 6.08 -30.84 21.63
CA ALA B 230 5.69 -29.49 22.04
C ALA B 230 5.29 -29.45 23.51
N LEU B 231 4.57 -30.47 23.98
CA LEU B 231 4.07 -30.46 25.35
C LEU B 231 5.19 -30.67 26.37
N THR B 232 6.13 -31.57 26.06
CA THR B 232 7.33 -31.70 26.88
C THR B 232 8.12 -30.40 26.95
N TYR B 233 8.27 -29.70 25.82
CA TYR B 233 9.00 -28.44 25.84
C TYR B 233 8.26 -27.38 26.64
N TYR B 234 6.94 -27.29 26.47
CA TYR B 234 6.16 -26.35 27.29
C TYR B 234 6.31 -26.66 28.78
N ARG B 235 6.32 -27.94 29.16
CA ARG B 235 6.56 -28.28 30.56
C ARG B 235 7.96 -27.84 30.99
N ASP B 236 8.98 -28.14 30.18
CA ASP B 236 10.32 -27.65 30.48
C ASP B 236 10.36 -26.13 30.59
N LEU B 237 9.62 -25.42 29.75
CA LEU B 237 9.65 -23.97 29.85
C LEU B 237 8.88 -23.50 31.09
N THR B 238 7.86 -24.24 31.52
CA THR B 238 7.11 -23.76 32.69
C THR B 238 7.86 -23.93 34.01
N ALA B 239 8.96 -24.68 34.03
CA ALA B 239 9.81 -24.67 35.21
C ALA B 239 10.40 -23.29 35.52
N ASN B 240 10.32 -22.33 34.58
CA ASN B 240 10.87 -21.00 34.75
C ASN B 240 9.81 -19.91 34.83
N THR B 241 8.56 -20.28 35.13
CA THR B 241 7.50 -19.30 35.31
C THR B 241 7.04 -19.30 36.78
N MET B 242 6.09 -18.42 37.09
CA MET B 242 5.55 -18.37 38.44
C MET B 242 4.83 -19.66 38.80
N PRO B 243 5.03 -20.20 40.00
CA PRO B 243 4.29 -21.41 40.41
C PRO B 243 2.80 -21.13 40.48
N GLY B 244 2.01 -22.18 40.23
CA GLY B 244 0.57 -22.07 40.30
C GLY B 244 -0.11 -21.92 38.95
N SER B 245 -1.39 -21.62 39.03
CA SER B 245 -2.26 -21.53 37.86
C SER B 245 -2.27 -20.08 37.37
N ASN B 246 -1.57 -19.84 36.26
CA ASN B 246 -1.40 -18.49 35.69
C ASN B 246 -2.39 -18.29 34.55
N ASP B 247 -3.33 -17.36 34.74
CA ASP B 247 -4.27 -16.95 33.71
C ASP B 247 -3.91 -15.53 33.25
N ILE B 248 -4.85 -14.87 32.57
CA ILE B 248 -4.55 -13.59 31.94
C ILE B 248 -4.05 -12.56 32.95
N MET B 249 -4.66 -12.52 34.14
CA MET B 249 -4.28 -11.47 35.08
C MET B 249 -2.91 -11.74 35.69
N GLU B 250 -2.60 -13.00 35.98
CA GLU B 250 -1.29 -13.33 36.53
C GLU B 250 -0.19 -12.99 35.53
N VAL B 251 -0.42 -13.29 34.25
CA VAL B 251 0.64 -13.10 33.26
C VAL B 251 0.88 -11.63 33.01
N LYS B 252 -0.20 -10.86 32.81
CA LYS B 252 -0.03 -9.42 32.58
C LYS B 252 0.62 -8.75 33.79
N ASP B 253 0.16 -9.11 34.99
CA ASP B 253 0.70 -8.51 36.21
C ASP B 253 2.19 -8.79 36.33
N ALA B 254 2.59 -10.05 36.19
CA ALA B 254 4.00 -10.40 36.26
C ALA B 254 4.83 -9.52 35.32
N PHE B 255 4.38 -9.34 34.09
CA PHE B 255 5.13 -8.51 33.16
C PHE B 255 5.14 -7.06 33.58
N MET B 256 3.98 -6.52 33.99
CA MET B 256 3.92 -5.10 34.34
C MET B 256 4.71 -4.78 35.61
N ASN B 257 4.62 -5.63 36.64
CA ASN B 257 5.28 -5.31 37.90
C ASN B 257 6.72 -5.81 37.97
N GLY B 258 7.26 -6.38 36.90
CA GLY B 258 8.66 -6.74 36.83
C GLY B 258 9.04 -8.11 37.36
N THR B 259 8.09 -8.91 37.85
CA THR B 259 8.47 -10.22 38.35
C THR B 259 9.01 -11.12 37.25
N ALA B 260 8.62 -10.88 35.99
CA ALA B 260 9.11 -11.64 34.82
C ALA B 260 9.39 -10.72 33.62
N PRO B 261 10.62 -10.75 33.06
CA PRO B 261 10.94 -9.84 31.95
C PRO B 261 10.54 -10.38 30.58
N MET B 262 9.68 -11.39 30.57
CA MET B 262 9.33 -12.12 29.37
C MET B 262 7.94 -12.70 29.60
N ALA B 263 7.06 -12.58 28.60
CA ALA B 263 5.69 -13.04 28.81
C ALA B 263 5.04 -13.32 27.47
N ILE B 264 4.19 -14.34 27.45
CA ILE B 264 3.33 -14.61 26.29
C ILE B 264 2.00 -13.90 26.51
N TYR B 265 1.62 -13.07 25.55
CA TYR B 265 0.44 -12.23 25.67
C TYR B 265 0.07 -11.76 24.28
N SER B 266 -1.12 -11.15 24.20
CA SER B 266 -1.61 -10.53 22.99
C SER B 266 -1.00 -9.14 22.82
N THR B 267 -1.31 -8.51 21.69
CA THR B 267 -0.94 -7.11 21.49
C THR B 267 -1.73 -6.17 22.39
N TYR B 268 -2.72 -6.68 23.12
CA TYR B 268 -3.38 -5.87 24.13
C TYR B 268 -2.47 -5.50 25.28
N ILE B 269 -1.25 -6.00 25.32
CA ILE B 269 -0.29 -5.54 26.32
C ILE B 269 0.20 -4.12 26.00
N LEU B 270 0.19 -3.71 24.73
CA LEU B 270 0.80 -2.46 24.29
C LEU B 270 0.13 -1.20 24.86
N PRO B 271 -1.21 -1.10 24.87
CA PRO B 271 -1.81 0.07 25.55
C PRO B 271 -1.36 0.20 27.00
N ALA B 272 -1.21 -0.93 27.71
CA ALA B 272 -0.71 -0.88 29.06
C ALA B 272 0.74 -0.40 29.11
N VAL B 273 1.55 -0.83 28.15
CA VAL B 273 2.95 -0.38 28.13
C VAL B 273 3.02 1.12 27.83
N ILE B 274 2.22 1.59 26.86
CA ILE B 274 2.11 3.02 26.59
C ILE B 274 1.70 3.77 27.86
N LYS B 275 0.68 3.25 28.53
CA LYS B 275 0.07 3.95 29.65
C LYS B 275 0.93 3.95 30.90
N GLU B 276 1.82 2.97 31.05
CA GLU B 276 2.54 2.74 32.30
C GLU B 276 4.05 2.59 32.16
N GLY B 277 4.59 2.46 30.96
CA GLY B 277 6.00 2.15 30.82
C GLY B 277 6.74 2.81 29.67
N ASP B 278 7.69 2.08 29.08
CA ASP B 278 8.54 2.60 28.01
C ASP B 278 8.38 1.78 26.75
N PRO B 279 7.62 2.25 25.75
CA PRO B 279 7.47 1.49 24.50
C PRO B 279 8.78 1.13 23.83
N LYS B 280 9.80 1.99 23.91
CA LYS B 280 11.09 1.65 23.33
C LYS B 280 11.71 0.43 24.00
N ASN B 281 11.31 0.13 25.23
CA ASN B 281 11.93 -0.93 26.01
C ASN B 281 11.29 -2.31 25.78
N VAL B 282 10.24 -2.41 24.97
CA VAL B 282 9.49 -3.64 24.82
C VAL B 282 9.85 -4.28 23.49
N GLY B 283 10.34 -5.52 23.54
CA GLY B 283 10.59 -6.31 22.35
C GLY B 283 9.62 -7.47 22.18
N PHE B 284 9.57 -8.02 20.97
CA PHE B 284 8.62 -9.06 20.59
C PHE B 284 9.37 -10.13 19.82
N VAL B 285 9.15 -11.40 20.18
CA VAL B 285 9.71 -12.51 19.43
C VAL B 285 8.67 -13.62 19.30
N VAL B 286 8.77 -14.36 18.21
CA VAL B 286 7.80 -15.37 17.83
C VAL B 286 8.38 -16.75 18.16
N PRO B 287 7.61 -17.63 18.78
CA PRO B 287 8.08 -19.01 18.98
C PRO B 287 8.38 -19.66 17.63
N THR B 288 9.55 -20.30 17.56
CA THR B 288 10.10 -20.82 16.32
C THR B 288 10.81 -22.12 16.61
N GLU B 289 10.49 -23.16 15.84
CA GLU B 289 11.26 -24.40 15.86
C GLU B 289 11.39 -24.95 14.45
N LYS B 290 10.39 -25.69 13.96
CA LYS B 290 10.36 -26.04 12.55
C LYS B 290 9.88 -24.88 11.69
N ASN B 291 8.98 -24.05 12.22
CA ASN B 291 8.59 -22.82 11.58
C ASN B 291 8.25 -21.83 12.70
N SER B 292 7.84 -20.63 12.31
CA SER B 292 7.43 -19.60 13.23
C SER B 292 5.91 -19.58 13.32
N ALA B 293 5.38 -19.44 14.54
CA ALA B 293 3.95 -19.55 14.75
C ALA B 293 3.50 -18.46 15.71
N VAL B 294 2.61 -17.60 15.22
CA VAL B 294 2.02 -16.51 15.98
C VAL B 294 0.54 -16.84 16.14
N TYR B 295 0.02 -16.71 17.36
CA TYR B 295 -1.41 -16.89 17.53
C TYR B 295 -2.16 -15.65 17.04
N GLY B 296 -3.30 -15.86 16.39
CA GLY B 296 -4.03 -14.71 15.91
C GLY B 296 -5.54 -14.84 16.04
N MET B 297 -6.22 -13.73 16.31
CA MET B 297 -7.67 -13.66 16.28
C MET B 297 -8.08 -12.58 15.30
N LEU B 298 -8.77 -12.96 14.23
CA LEU B 298 -9.27 -12.01 13.25
C LEU B 298 -10.64 -11.48 13.65
N THR B 299 -10.86 -10.20 13.37
CA THR B 299 -12.20 -9.61 13.42
C THR B 299 -12.63 -9.34 11.99
N SER B 300 -13.82 -9.80 11.64
CA SER B 300 -14.32 -9.62 10.30
C SER B 300 -15.68 -8.96 10.36
N LEU B 301 -16.13 -8.47 9.21
CA LEU B 301 -17.52 -8.15 8.98
C LEU B 301 -18.06 -9.21 8.05
N THR B 302 -19.13 -9.86 8.45
CA THR B 302 -19.73 -10.85 7.59
C THR B 302 -21.08 -10.33 7.12
N ILE B 303 -21.56 -10.92 6.04
CA ILE B 303 -22.88 -10.61 5.51
C ILE B 303 -23.78 -11.81 5.77
N THR B 304 -24.96 -11.56 6.33
CA THR B 304 -25.83 -12.67 6.70
C THR B 304 -26.76 -13.06 5.55
N ALA B 305 -27.19 -14.33 5.57
CA ALA B 305 -27.97 -14.92 4.50
C ALA B 305 -29.46 -14.71 4.72
N GLY B 306 -30.24 -14.93 3.66
CA GLY B 306 -31.69 -14.90 3.77
C GLY B 306 -32.30 -13.52 3.68
N GLN B 307 -31.55 -12.52 3.24
CA GLN B 307 -32.06 -11.17 3.12
C GLN B 307 -32.58 -10.94 1.70
N LYS B 308 -33.42 -9.92 1.54
CA LYS B 308 -33.82 -9.51 0.20
C LYS B 308 -32.58 -9.08 -0.59
N THR B 309 -32.64 -9.27 -1.91
CA THR B 309 -31.44 -9.03 -2.72
C THR B 309 -31.00 -7.57 -2.67
N GLU B 310 -31.96 -6.63 -2.65
CA GLU B 310 -31.60 -5.23 -2.46
C GLU B 310 -30.87 -5.02 -1.14
N GLU B 311 -31.26 -5.74 -0.09
CA GLU B 311 -30.57 -5.64 1.19
C GLU B 311 -29.17 -6.23 1.13
N THR B 312 -29.03 -7.38 0.47
CA THR B 312 -27.71 -7.98 0.29
C THR B 312 -26.80 -7.07 -0.52
N GLU B 313 -27.33 -6.46 -1.57
CA GLU B 313 -26.54 -5.54 -2.39
C GLU B 313 -25.97 -4.42 -1.53
N ALA B 314 -26.84 -3.82 -0.71
CA ALA B 314 -26.41 -2.73 0.16
C ALA B 314 -25.37 -3.22 1.17
N ALA B 315 -25.58 -4.41 1.74
CA ALA B 315 -24.57 -4.94 2.66
C ALA B 315 -23.22 -5.09 1.97
N GLU B 316 -23.22 -5.54 0.72
CA GLU B 316 -21.97 -5.66 -0.01
C GLU B 316 -21.32 -4.31 -0.24
N LYS B 317 -22.09 -3.32 -0.66
CA LYS B 317 -21.49 -2.01 -0.87
C LYS B 317 -20.96 -1.46 0.44
N PHE B 318 -21.64 -1.75 1.55
CA PHE B 318 -21.16 -1.24 2.83
C PHE B 318 -19.82 -1.87 3.20
N VAL B 319 -19.73 -3.19 3.14
CA VAL B 319 -18.49 -3.85 3.57
C VAL B 319 -17.35 -3.48 2.64
N THR B 320 -17.62 -3.39 1.33
CA THR B 320 -16.60 -2.90 0.40
C THR B 320 -16.14 -1.51 0.77
N PHE B 321 -17.10 -0.62 1.08
CA PHE B 321 -16.76 0.73 1.53
C PHE B 321 -15.84 0.70 2.73
N MET B 322 -16.16 -0.15 3.72
CA MET B 322 -15.37 -0.21 4.94
C MET B 322 -13.96 -0.72 4.72
N GLU B 323 -13.70 -1.36 3.58
CA GLU B 323 -12.37 -1.88 3.27
C GLU B 323 -11.52 -0.90 2.48
N GLN B 324 -12.11 0.20 2.00
CA GLN B 324 -11.31 1.21 1.33
C GLN B 324 -10.36 1.84 2.32
N ALA B 325 -9.22 2.32 1.83
CA ALA B 325 -8.06 2.63 2.67
C ALA B 325 -8.39 3.58 3.83
N ASP B 326 -8.99 4.73 3.53
CA ASP B 326 -9.22 5.73 4.57
C ASP B 326 -10.26 5.26 5.58
N ASN B 327 -11.19 4.39 5.16
CA ASN B 327 -12.22 3.95 6.09
C ASN B 327 -11.71 2.82 6.97
N ILE B 328 -10.97 1.87 6.40
CA ILE B 328 -10.47 0.76 7.20
C ILE B 328 -9.47 1.28 8.22
N ALA B 329 -8.70 2.32 7.87
CA ALA B 329 -7.80 2.96 8.82
C ALA B 329 -8.57 3.53 10.01
N ASP B 330 -9.70 4.21 9.78
CA ASP B 330 -10.48 4.74 10.89
C ASP B 330 -10.97 3.63 11.81
N TRP B 331 -11.37 2.51 11.21
CA TRP B 331 -11.79 1.36 12.01
C TRP B 331 -10.66 0.86 12.90
N VAL B 332 -9.48 0.68 12.31
CA VAL B 332 -8.38 0.04 13.02
C VAL B 332 -7.86 0.95 14.13
N MET B 333 -7.83 2.27 13.87
CA MET B 333 -7.38 3.23 14.87
C MET B 333 -8.38 3.43 16.00
N MET B 334 -9.49 2.70 16.03
CA MET B 334 -10.31 2.69 17.23
C MET B 334 -9.65 1.94 18.39
N SER B 335 -8.61 1.15 18.11
CA SER B 335 -7.87 0.40 19.14
C SER B 335 -6.40 0.36 18.75
N PRO B 336 -5.71 1.50 18.69
CA PRO B 336 -4.35 1.51 18.15
C PRO B 336 -3.41 0.72 19.06
N GLY B 337 -2.41 0.10 18.42
CA GLY B 337 -1.52 -0.78 19.13
C GLY B 337 -2.10 -2.18 19.24
N ALA B 338 -3.22 -2.32 19.97
CA ALA B 338 -3.81 -3.63 20.20
C ALA B 338 -4.27 -4.27 18.89
N ALA B 339 -4.89 -3.49 18.02
CA ALA B 339 -5.44 -4.01 16.77
C ALA B 339 -4.45 -3.77 15.62
N LEU B 340 -4.07 -4.83 14.96
CA LEU B 340 -3.23 -4.70 13.79
C LEU B 340 -4.07 -4.65 12.53
N PRO B 341 -3.62 -3.86 11.55
CA PRO B 341 -4.26 -3.88 10.25
C PRO B 341 -4.00 -5.19 9.51
N VAL B 342 -4.97 -5.57 8.69
CA VAL B 342 -4.82 -6.74 7.84
C VAL B 342 -4.93 -6.39 6.37
N ASN B 343 -5.20 -5.14 6.05
CA ASN B 343 -5.25 -4.64 4.69
C ASN B 343 -4.04 -3.77 4.46
N LYS B 344 -3.37 -3.96 3.32
CA LYS B 344 -2.07 -3.34 3.09
C LYS B 344 -2.14 -1.82 2.98
N ALA B 345 -3.31 -1.27 2.64
CA ALA B 345 -3.41 0.18 2.43
C ALA B 345 -3.40 0.99 3.72
N VAL B 346 -3.56 0.36 4.89
CA VAL B 346 -3.72 1.14 6.11
C VAL B 346 -2.44 1.92 6.45
N VAL B 347 -1.27 1.30 6.29
CA VAL B 347 -0.03 1.91 6.78
C VAL B 347 0.38 3.14 5.98
N THR B 348 -0.22 3.37 4.83
CA THR B 348 0.09 4.57 4.05
C THR B 348 -0.97 5.65 4.23
N THR B 349 -1.89 5.50 5.18
CA THR B 349 -2.83 6.56 5.48
C THR B 349 -2.24 7.53 6.48
N ALA B 350 -2.70 8.78 6.43
CA ALA B 350 -2.25 9.76 7.40
C ALA B 350 -2.71 9.39 8.80
N THR B 351 -3.91 8.81 8.91
CA THR B 351 -4.46 8.49 10.21
C THR B 351 -3.58 7.48 10.94
N TRP B 352 -3.03 6.50 10.22
CA TRP B 352 -2.06 5.59 10.81
C TRP B 352 -0.75 6.30 11.12
N LYS B 353 -0.20 7.02 10.13
CA LYS B 353 1.10 7.65 10.31
C LYS B 353 1.07 8.79 11.31
N ASP B 354 -0.05 9.51 11.41
CA ASP B 354 -0.15 10.62 12.35
C ASP B 354 -0.60 10.20 13.74
N ASN B 355 -0.86 8.92 13.97
CA ASN B 355 -1.40 8.50 15.27
C ASN B 355 -0.33 8.56 16.35
N ASP B 356 -0.72 9.07 17.52
CA ASP B 356 0.23 9.19 18.62
C ASP B 356 0.69 7.84 19.13
N VAL B 357 -0.21 6.88 19.26
CA VAL B 357 0.17 5.57 19.78
C VAL B 357 1.12 4.86 18.82
N ILE B 358 0.78 4.84 17.53
CA ILE B 358 1.64 4.19 16.53
C ILE B 358 3.04 4.80 16.55
N LYS B 359 3.14 6.13 16.68
CA LYS B 359 4.43 6.79 16.68
C LYS B 359 5.22 6.48 17.94
N ALA B 360 4.55 6.35 19.09
CA ALA B 360 5.25 6.04 20.33
C ALA B 360 5.86 4.65 20.33
N LEU B 361 5.32 3.73 19.52
CA LEU B 361 5.76 2.34 19.52
C LEU B 361 7.02 2.11 18.70
N GLY B 362 7.44 3.07 17.86
CA GLY B 362 8.66 2.88 17.09
C GLY B 362 8.47 1.94 15.92
N GLU B 363 9.42 1.03 15.69
CA GLU B 363 9.27 0.06 14.62
C GLU B 363 8.44 -1.15 15.04
N LEU B 364 8.02 -1.21 16.31
CA LEU B 364 7.16 -2.28 16.79
C LEU B 364 5.97 -2.55 15.86
N PRO B 365 5.17 -1.55 15.45
CA PRO B 365 4.01 -1.87 14.59
C PRO B 365 4.38 -2.52 13.28
N ASN B 366 5.45 -2.05 12.61
CA ASN B 366 5.87 -2.71 11.38
C ASN B 366 6.35 -4.13 11.64
N GLN B 367 7.04 -4.35 12.75
CA GLN B 367 7.45 -5.71 13.07
C GLN B 367 6.23 -6.61 13.29
N LEU B 368 5.21 -6.11 13.98
CA LEU B 368 4.04 -6.94 14.25
C LEU B 368 3.30 -7.29 12.97
N ILE B 369 3.09 -6.31 12.10
CA ILE B 369 2.47 -6.57 10.79
C ILE B 369 3.30 -7.57 9.99
N GLY B 370 4.62 -7.53 10.13
CA GLY B 370 5.49 -8.46 9.43
C GLY B 370 5.28 -9.91 9.82
N GLU B 371 4.75 -10.16 11.03
CA GLU B 371 4.52 -11.52 11.47
C GLU B 371 3.15 -12.05 11.09
N LEU B 372 2.29 -11.24 10.46
CA LEU B 372 0.97 -11.74 10.09
C LEU B 372 1.01 -12.97 9.20
N PRO B 373 1.93 -13.12 8.23
CA PRO B 373 2.01 -14.37 7.46
C PRO B 373 2.28 -15.59 8.32
N ASN B 374 2.79 -15.42 9.53
CA ASN B 374 3.04 -16.54 10.43
C ASN B 374 1.85 -16.85 11.33
N ILE B 375 0.67 -16.24 11.12
CA ILE B 375 -0.48 -16.59 11.95
C ILE B 375 -0.83 -18.05 11.79
N GLN B 376 -0.91 -18.76 12.90
CA GLN B 376 -1.32 -20.16 12.89
C GLN B 376 -2.24 -20.43 14.07
N VAL B 377 -3.32 -21.16 13.83
CA VAL B 377 -4.26 -21.49 14.92
C VAL B 377 -4.67 -22.95 14.81
N PHE B 378 -4.94 -23.56 15.97
CA PHE B 378 -5.53 -24.90 16.03
C PHE B 378 -6.81 -24.96 15.22
N GLY B 379 -6.87 -25.91 14.29
CA GLY B 379 -8.06 -26.14 13.50
C GLY B 379 -7.95 -25.65 12.07
N ALA B 380 -7.07 -24.70 11.80
CA ALA B 380 -6.83 -24.20 10.46
C ALA B 380 -5.68 -25.01 9.86
N VAL B 381 -6.01 -25.87 8.91
CA VAL B 381 -5.08 -26.83 8.33
C VAL B 381 -5.06 -26.52 6.84
N GLY B 382 -3.93 -26.00 6.37
CA GLY B 382 -3.93 -25.41 5.05
C GLY B 382 -5.09 -24.44 4.92
N ASP B 383 -5.88 -24.59 3.86
CA ASP B 383 -6.96 -23.66 3.56
C ASP B 383 -8.32 -24.17 4.01
N LYS B 384 -8.35 -25.06 5.00
CA LYS B 384 -9.59 -25.46 5.66
C LYS B 384 -9.50 -25.11 7.14
N ASN B 385 -10.57 -24.56 7.69
CA ASN B 385 -10.65 -24.34 9.13
C ASN B 385 -11.81 -25.18 9.67
N PHE B 386 -11.49 -26.22 10.46
CA PHE B 386 -12.49 -27.21 10.84
C PHE B 386 -13.38 -26.72 11.97
N THR B 387 -14.69 -26.76 11.73
CA THR B 387 -15.64 -26.21 12.69
C THR B 387 -15.69 -27.00 14.00
N ARG B 388 -15.28 -28.27 14.00
CA ARG B 388 -15.25 -29.04 15.24
C ARG B 388 -14.22 -28.51 16.23
N MET B 389 -13.31 -27.64 15.79
CA MET B 389 -12.34 -27.05 16.71
C MET B 389 -13.02 -26.21 17.78
N GLY B 390 -14.21 -25.67 17.51
CA GLY B 390 -14.93 -24.92 18.54
C GLY B 390 -15.44 -25.81 19.65
N ASP B 391 -15.92 -27.00 19.30
CA ASP B 391 -16.23 -28.00 20.32
C ASP B 391 -14.99 -28.37 21.12
N VAL B 392 -13.85 -28.49 20.44
CA VAL B 392 -12.60 -28.80 21.14
C VAL B 392 -12.25 -27.69 22.11
N THR B 393 -12.21 -26.44 21.62
CA THR B 393 -11.95 -25.31 22.49
C THR B 393 -12.99 -25.22 23.59
N GLY B 394 -14.27 -25.33 23.22
CA GLY B 394 -15.33 -25.27 24.21
C GLY B 394 -15.19 -26.32 25.31
N SER B 395 -14.55 -27.45 25.01
CA SER B 395 -14.44 -28.50 26.03
C SER B 395 -13.34 -28.22 27.04
N GLY B 396 -12.43 -27.29 26.73
CA GLY B 396 -11.29 -26.98 27.57
C GLY B 396 -10.28 -28.11 27.73
N VAL B 397 -10.40 -29.18 26.94
CA VAL B 397 -9.54 -30.35 27.13
C VAL B 397 -8.08 -30.01 26.85
N VAL B 398 -7.81 -29.19 25.83
CA VAL B 398 -6.41 -28.92 25.48
C VAL B 398 -5.74 -28.10 26.57
N SER B 399 -6.42 -27.07 27.09
CA SER B 399 -5.80 -26.27 28.14
C SER B 399 -5.73 -27.04 29.45
N SER B 400 -6.75 -27.86 29.72
CA SER B 400 -6.74 -28.68 30.93
C SER B 400 -5.61 -29.69 30.89
N MET B 401 -5.43 -30.35 29.75
CA MET B 401 -4.24 -31.16 29.52
C MET B 401 -2.96 -30.41 29.85
N VAL B 402 -2.72 -29.27 29.18
CA VAL B 402 -1.54 -28.46 29.50
C VAL B 402 -1.52 -28.10 30.98
N HIS B 403 -2.67 -27.69 31.53
CA HIS B 403 -2.73 -27.43 32.96
C HIS B 403 -2.33 -28.64 33.79
N ASN B 404 -2.89 -29.81 33.48
CA ASN B 404 -2.61 -31.01 34.27
C ASN B 404 -1.13 -31.36 34.26
N VAL B 405 -0.44 -31.11 33.15
CA VAL B 405 0.96 -31.53 33.03
C VAL B 405 1.92 -30.52 33.65
N THR B 406 1.57 -29.24 33.66
CA THR B 406 2.49 -28.21 34.15
C THR B 406 2.25 -27.88 35.63
N VAL B 407 1.06 -27.41 35.97
CA VAL B 407 0.76 -27.14 37.38
C VAL B 407 0.55 -28.44 38.17
N GLY B 408 -0.12 -29.41 37.58
CA GLY B 408 -0.40 -30.63 38.34
C GLY B 408 0.74 -31.63 38.37
N LYS B 409 1.77 -31.44 37.54
CA LYS B 409 2.88 -32.37 37.39
C LYS B 409 2.39 -33.78 37.05
N ALA B 410 1.28 -33.88 36.33
CA ALA B 410 0.77 -35.20 35.99
C ALA B 410 1.66 -35.84 34.93
N ASP B 411 1.47 -37.15 34.74
CA ASP B 411 2.22 -37.89 33.75
C ASP B 411 1.83 -37.43 32.35
N LEU B 412 2.81 -36.93 31.59
CA LEU B 412 2.51 -36.30 30.31
C LEU B 412 1.96 -37.30 29.30
N SER B 413 2.65 -38.43 29.11
CA SER B 413 2.26 -39.37 28.06
C SER B 413 0.86 -39.94 28.30
N THR B 414 0.53 -40.30 29.55
CA THR B 414 -0.82 -40.79 29.80
C THR B 414 -1.87 -39.67 29.78
N THR B 415 -1.51 -38.45 30.22
CA THR B 415 -2.44 -37.34 30.06
C THR B 415 -2.72 -37.08 28.59
N LEU B 416 -1.69 -37.15 27.75
CA LEU B 416 -1.91 -36.91 26.32
C LEU B 416 -2.80 -37.99 25.73
N GLN B 417 -2.58 -39.26 26.10
CA GLN B 417 -3.44 -40.32 25.60
C GLN B 417 -4.86 -40.20 26.13
N ALA B 418 -5.02 -39.92 27.42
CA ALA B 418 -6.35 -39.69 27.97
C ALA B 418 -7.07 -38.53 27.28
N SER B 419 -6.32 -37.47 26.90
CA SER B 419 -6.97 -36.32 26.27
C SER B 419 -7.46 -36.67 24.87
N GLN B 420 -6.64 -37.38 24.09
CA GLN B 420 -7.08 -37.87 22.79
C GLN B 420 -8.39 -38.64 22.90
N LYS B 421 -8.49 -39.50 23.91
CA LYS B 421 -9.69 -40.32 24.07
C LYS B 421 -10.90 -39.46 24.41
N LYS B 422 -10.72 -38.44 25.24
CA LYS B 422 -11.83 -37.54 25.58
C LYS B 422 -12.31 -36.74 24.36
N LEU B 423 -11.38 -36.34 23.49
CA LEU B 423 -11.79 -35.65 22.28
C LEU B 423 -12.47 -36.58 21.29
N ASP B 424 -11.97 -37.82 21.20
CA ASP B 424 -12.60 -38.82 20.35
C ASP B 424 -14.03 -39.11 20.79
N GLU B 425 -14.23 -39.27 22.10
CA GLU B 425 -15.59 -39.48 22.61
C GLU B 425 -16.44 -38.23 22.54
N LEU B 426 -15.81 -37.05 22.52
CA LEU B 426 -16.57 -35.80 22.39
C LEU B 426 -17.34 -35.75 21.07
N ILE B 427 -16.66 -36.01 19.96
CA ILE B 427 -17.30 -36.00 18.64
C ILE B 427 -17.89 -37.39 18.34
N GLU B 428 -18.48 -38.03 19.35
CA GLU B 428 -19.19 -39.28 19.14
C GLU B 428 -20.10 -39.60 20.32
#